data_7APG
#
_entry.id   7APG
#
_cell.length_a   57.469
_cell.length_b   112.883
_cell.length_c   102.897
_cell.angle_alpha   90.000
_cell.angle_beta   97.210
_cell.angle_gamma   90.000
#
_symmetry.space_group_name_H-M   'P 1 21 1'
#
loop_
_entity.id
_entity.type
_entity.pdbx_description
1 polymer 'Tyrosine-protein kinase JAK3'
2 non-polymer ~{N}-[3-(1~{H}-pyrrolo[2,3-b]pyridin-3-yl)phenyl]propanamide
3 non-polymer 1-phenylurea
4 non-polymer 1,2-ETHANEDIOL
5 water water
#
_entity_poly.entity_id   1
_entity_poly.type   'polypeptide(L)'
_entity_poly.pdbx_seq_one_letter_code
;SMQDPTIFEERHLKYISQLGKGNFGSVELCRYDPLGDNTGALVAVKQLQHSGPDQQRDFQREIQILKALHSDFIVKYRGV
SYGPGRQSLRLVMEYLPSGCLRDFLQRHRARLDASRLLLYSSQICKGMEYLGSRRCVHRALAARNILVESEAHVKIADFG
LAKLLPLDKDYYVVREPGQSPIFWYAPESLSDNIFSRQSDVWSFGVVLYELFTYCDKSCSPSAEFLRMMGSERDVPALSR
LLELLEEGQRLPAPPACPAEVHELMKLCWAPSPQDRPSFSALGPQLDMLWSGSR
;
_entity_poly.pdbx_strand_id   A,B,C,D
#
# COMPACT_ATOMS: atom_id res chain seq x y z
N ASP A 4 -16.20 32.79 37.18
CA ASP A 4 -15.54 32.24 35.95
C ASP A 4 -14.16 31.70 36.32
N PRO A 5 -13.90 30.37 36.19
CA PRO A 5 -12.54 29.82 36.30
C PRO A 5 -11.75 29.90 34.98
N THR A 6 -12.38 30.51 33.98
CA THR A 6 -11.96 30.56 32.60
C THR A 6 -11.09 31.82 32.39
N ILE A 7 -10.93 32.67 33.43
CA ILE A 7 -10.16 33.94 33.36
C ILE A 7 -8.83 33.79 34.12
N PHE A 8 -7.73 33.95 33.40
CA PHE A 8 -6.39 33.85 33.92
C PHE A 8 -5.85 35.26 34.06
N GLU A 9 -5.38 35.59 35.28
CA GLU A 9 -4.82 36.89 35.58
C GLU A 9 -3.42 37.02 34.95
N GLU A 10 -3.22 38.07 34.17
CA GLU A 10 -1.96 38.37 33.50
C GLU A 10 -0.80 38.21 34.50
N ARG A 11 -1.00 38.76 35.71
CA ARG A 11 0.06 38.93 36.67
C ARG A 11 0.55 37.56 37.16
N HIS A 12 -0.30 36.53 37.08
CA HIS A 12 -0.01 35.17 37.55
C HIS A 12 0.50 34.26 36.42
N LEU A 13 0.47 34.72 35.16
CA LEU A 13 1.06 33.97 34.03
C LEU A 13 2.55 34.29 33.94
N LYS A 14 3.40 33.38 34.42
CA LYS A 14 4.86 33.61 34.46
C LYS A 14 5.47 33.11 33.15
N TYR A 15 6.08 34.00 32.39
CA TYR A 15 6.77 33.64 31.16
C TYR A 15 7.90 32.64 31.46
N ILE A 16 7.96 31.58 30.65
CA ILE A 16 9.03 30.60 30.73
C ILE A 16 9.85 30.61 29.43
N SER A 17 9.24 30.32 28.30
CA SER A 17 9.99 30.40 27.04
C SER A 17 9.02 30.39 25.86
N GLN A 18 9.56 30.61 24.66
CA GLN A 18 8.80 30.69 23.45
C GLN A 18 8.69 29.29 22.84
N LEU A 19 7.48 28.91 22.42
CA LEU A 19 7.23 27.62 21.77
C LEU A 19 7.23 27.78 20.25
N GLY A 20 6.67 28.89 19.77
CA GLY A 20 6.61 29.18 18.34
C GLY A 20 6.15 30.60 18.06
N LYS A 21 6.41 31.05 16.84
CA LYS A 21 6.16 32.42 16.42
C LYS A 21 5.74 32.37 14.95
N GLY A 22 4.55 32.93 14.65
CA GLY A 22 4.12 33.24 13.27
C GLY A 22 4.52 34.66 12.88
N ASN A 23 3.79 35.26 11.95
CA ASN A 23 4.05 36.65 11.52
C ASN A 23 3.10 37.62 12.24
N PHE A 24 1.97 37.09 12.74
CA PHE A 24 0.93 37.90 13.41
C PHE A 24 0.71 37.42 14.85
N GLY A 25 1.35 36.31 15.25
CA GLY A 25 1.19 35.75 16.59
C GLY A 25 2.31 34.80 17.03
N SER A 26 2.25 34.43 18.32
CA SER A 26 3.20 33.56 18.97
C SER A 26 2.50 32.71 20.02
N VAL A 27 3.16 31.61 20.39
CA VAL A 27 2.78 30.79 21.53
C VAL A 27 3.96 30.73 22.51
N GLU A 28 3.64 30.90 23.80
CA GLU A 28 4.62 30.96 24.86
C GLU A 28 4.27 29.89 25.88
N LEU A 29 5.29 29.17 26.36
CA LEU A 29 5.16 28.39 27.54
C LEU A 29 5.21 29.32 28.77
N CYS A 30 4.23 29.16 29.68
CA CYS A 30 4.12 29.91 30.89
C CYS A 30 3.73 28.96 32.01
N ARG A 31 3.90 29.42 33.25
CA ARG A 31 3.39 28.77 34.43
C ARG A 31 2.28 29.65 34.99
N TYR A 32 1.08 29.08 35.13
CA TYR A 32 0.04 29.74 35.88
C TYR A 32 0.27 29.48 37.36
N ASP A 33 0.87 30.48 38.03
CA ASP A 33 1.46 30.33 39.35
C ASP A 33 0.86 31.35 40.32
N PRO A 34 -0.45 31.24 40.64
CA PRO A 34 -1.09 32.16 41.57
C PRO A 34 -0.49 32.14 43.00
N LEU A 35 0.00 30.97 43.41
CA LEU A 35 0.59 30.80 44.77
C LEU A 35 2.02 31.37 44.80
N GLY A 36 2.67 31.50 43.63
CA GLY A 36 3.97 32.19 43.49
C GLY A 36 5.16 31.34 43.91
N ASP A 37 4.97 30.02 44.01
CA ASP A 37 5.98 29.09 44.55
C ASP A 37 6.45 28.11 43.45
N ASN A 38 6.10 28.40 42.19
CA ASN A 38 6.44 27.56 41.01
C ASN A 38 5.93 26.12 41.15
N THR A 39 4.79 25.92 41.81
CA THR A 39 4.08 24.61 41.83
C THR A 39 2.93 24.61 40.82
N GLY A 40 2.58 25.80 40.31
CA GLY A 40 1.51 25.96 39.34
C GLY A 40 1.75 25.13 38.09
N ALA A 41 0.70 25.01 37.28
CA ALA A 41 0.73 24.17 36.09
C ALA A 41 1.31 24.95 34.90
N LEU A 42 2.00 24.22 34.02
CA LEU A 42 2.37 24.75 32.73
C LEU A 42 1.13 24.90 31.83
N VAL A 43 1.06 26.02 31.12
CA VAL A 43 0.07 26.27 30.09
C VAL A 43 0.78 26.85 28.87
N ALA A 44 0.19 26.68 27.70
CA ALA A 44 0.64 27.35 26.49
C ALA A 44 -0.29 28.54 26.23
N VAL A 45 0.29 29.68 25.88
CA VAL A 45 -0.45 30.90 25.77
C VAL A 45 -0.15 31.51 24.40
N LYS A 46 -1.22 31.74 23.63
CA LYS A 46 -1.14 32.37 22.32
C LYS A 46 -1.56 33.84 22.43
N GLN A 47 -0.81 34.70 21.75
CA GLN A 47 -1.13 36.10 21.63
C GLN A 47 -0.70 36.60 20.24
N LEU A 48 -1.31 37.71 19.81
CA LEU A 48 -0.95 38.38 18.57
C LEU A 48 0.12 39.45 18.81
N GLN A 49 0.99 39.65 17.81
CA GLN A 49 1.84 40.84 17.70
C GLN A 49 1.63 41.44 16.30
N HIS A 50 1.77 42.77 16.21
CA HIS A 50 1.60 43.52 14.93
C HIS A 50 0.27 43.13 14.28
N SER A 51 -0.78 43.05 15.08
CA SER A 51 -2.08 42.59 14.60
C SER A 51 -2.96 43.79 14.26
N GLY A 52 -3.55 43.76 13.06
CA GLY A 52 -4.62 44.67 12.70
C GLY A 52 -5.94 44.26 13.34
N PRO A 53 -6.97 45.13 13.28
CA PRO A 53 -8.33 44.79 13.76
C PRO A 53 -8.92 43.50 13.17
N ASP A 54 -8.63 43.25 11.88
CA ASP A 54 -9.07 42.04 11.18
C ASP A 54 -8.54 40.80 11.90
N GLN A 55 -7.26 40.82 12.28
CA GLN A 55 -6.64 39.67 12.90
C GLN A 55 -7.17 39.50 14.32
N GLN A 56 -7.42 40.61 15.02
CA GLN A 56 -7.97 40.57 16.37
CA GLN A 56 -7.97 40.57 16.37
C GLN A 56 -9.35 39.88 16.35
N ARG A 57 -10.18 40.21 15.35
CA ARG A 57 -11.52 39.57 15.22
C ARG A 57 -11.37 38.08 14.92
N ASP A 58 -10.45 37.73 14.00
CA ASP A 58 -10.22 36.33 13.64
C ASP A 58 -9.88 35.55 14.90
N PHE A 59 -9.05 36.16 15.77
CA PHE A 59 -8.54 35.53 16.95
C PHE A 59 -9.66 35.33 17.96
N GLN A 60 -10.57 36.31 18.08
CA GLN A 60 -11.77 36.17 18.91
C GLN A 60 -12.60 34.96 18.47
N ARG A 61 -12.70 34.74 17.16
CA ARG A 61 -13.49 33.59 16.62
C ARG A 61 -12.75 32.28 16.95
N GLU A 62 -11.43 32.28 16.70
CA GLU A 62 -10.57 31.14 16.96
C GLU A 62 -10.71 30.69 18.42
N ILE A 63 -10.69 31.64 19.34
CA ILE A 63 -10.86 31.35 20.74
C ILE A 63 -12.22 30.68 20.95
N GLN A 64 -13.28 31.21 20.34
CA GLN A 64 -14.64 30.66 20.58
C GLN A 64 -14.74 29.25 19.97
N ILE A 65 -14.05 29.03 18.85
CA ILE A 65 -14.12 27.74 18.19
C ILE A 65 -13.44 26.71 19.08
N LEU A 66 -12.21 27.00 19.50
CA LEU A 66 -11.42 26.04 20.26
C LEU A 66 -12.15 25.73 21.58
N LYS A 67 -12.72 26.75 22.17
CA LYS A 67 -13.41 26.64 23.43
C LYS A 67 -14.59 25.67 23.29
N ALA A 68 -15.21 25.63 22.11
CA ALA A 68 -16.46 24.86 21.95
C ALA A 68 -16.14 23.39 21.63
N LEU A 69 -14.88 23.06 21.29
CA LEU A 69 -14.50 21.73 20.89
C LEU A 69 -14.12 20.89 22.13
N HIS A 70 -14.69 19.68 22.24
CA HIS A 70 -14.44 18.78 23.37
C HIS A 70 -14.09 17.40 22.86
N SER A 71 -12.82 17.20 22.58
CA SER A 71 -12.31 16.00 22.02
C SER A 71 -10.95 15.71 22.66
N ASP A 72 -10.71 14.43 22.91
CA ASP A 72 -9.46 13.92 23.38
C ASP A 72 -8.35 14.19 22.36
N PHE A 73 -8.71 14.50 21.11
CA PHE A 73 -7.78 14.57 20.00
C PHE A 73 -7.65 16.01 19.49
N ILE A 74 -8.13 16.96 20.29
CA ILE A 74 -7.97 18.37 19.95
C ILE A 74 -7.43 19.12 21.16
N VAL A 75 -6.42 19.97 20.94
CA VAL A 75 -5.76 20.67 22.03
C VAL A 75 -6.83 21.39 22.85
N LYS A 76 -6.71 21.30 24.16
CA LYS A 76 -7.73 21.73 25.08
C LYS A 76 -7.58 23.22 25.40
N TYR A 77 -8.69 23.94 25.24
CA TYR A 77 -8.86 25.27 25.71
C TYR A 77 -8.96 25.28 27.23
N ARG A 78 -8.23 26.21 27.88
CA ARG A 78 -8.30 26.37 29.35
C ARG A 78 -8.93 27.72 29.68
N GLY A 79 -8.63 28.78 28.91
CA GLY A 79 -9.18 30.10 29.21
C GLY A 79 -8.57 31.21 28.40
N VAL A 80 -8.83 32.46 28.82
CA VAL A 80 -8.28 33.66 28.20
C VAL A 80 -7.71 34.56 29.30
N SER A 81 -6.81 35.46 28.88
CA SER A 81 -6.27 36.51 29.71
C SER A 81 -6.43 37.83 28.96
N TYR A 82 -6.90 38.88 29.67
CA TYR A 82 -7.31 40.20 29.12
C TYR A 82 -6.29 41.32 29.41
N SER A 88 -3.93 42.90 23.70
CA SER A 88 -4.21 42.56 25.11
C SER A 88 -4.63 41.07 25.25
N LEU A 89 -5.59 40.59 24.41
CA LEU A 89 -6.25 39.26 24.52
C LEU A 89 -5.24 38.11 24.34
N ARG A 90 -5.27 37.14 25.27
CA ARG A 90 -4.36 36.00 25.25
C ARG A 90 -5.16 34.70 25.47
N LEU A 91 -4.85 33.67 24.66
CA LEU A 91 -5.53 32.35 24.70
C LEU A 91 -4.67 31.36 25.50
N VAL A 92 -5.25 30.78 26.55
CA VAL A 92 -4.57 29.86 27.42
C VAL A 92 -5.04 28.44 27.09
N MET A 93 -4.08 27.56 26.78
CA MET A 93 -4.33 26.17 26.44
C MET A 93 -3.50 25.29 27.38
N GLU A 94 -3.87 24.01 27.48
CA GLU A 94 -3.04 23.03 28.09
C GLU A 94 -1.68 23.00 27.38
N TYR A 95 -0.62 22.67 28.12
CA TYR A 95 0.70 22.53 27.52
C TYR A 95 0.89 21.06 27.18
N LEU A 96 1.21 20.78 25.90
CA LEU A 96 1.56 19.42 25.48
C LEU A 96 3.07 19.37 25.31
N PRO A 97 3.80 18.68 26.20
CA PRO A 97 5.23 18.90 26.39
C PRO A 97 6.14 18.34 25.30
N SER A 98 5.63 17.40 24.48
CA SER A 98 6.46 16.71 23.53
C SER A 98 6.48 17.44 22.18
N GLY A 99 5.72 18.54 22.08
CA GLY A 99 5.86 19.48 20.97
C GLY A 99 5.14 19.02 19.74
N CYS A 100 5.57 19.50 18.59
CA CYS A 100 4.92 19.21 17.34
CA CYS A 100 4.92 19.21 17.34
C CYS A 100 5.33 17.82 16.83
N LEU A 101 4.44 17.19 16.10
CA LEU A 101 4.59 15.81 15.66
C LEU A 101 5.73 15.72 14.63
N ARG A 102 5.85 16.72 13.77
CA ARG A 102 6.90 16.71 12.75
C ARG A 102 8.26 16.44 13.42
N ASP A 103 8.62 17.26 14.42
CA ASP A 103 9.92 17.17 15.08
C ASP A 103 10.00 15.87 15.88
N PHE A 104 8.89 15.48 16.51
CA PHE A 104 8.84 14.28 17.36
C PHE A 104 9.15 13.03 16.53
N LEU A 105 8.58 12.95 15.33
CA LEU A 105 8.80 11.82 14.45
C LEU A 105 10.28 11.76 14.07
N GLN A 106 10.86 12.90 13.72
CA GLN A 106 12.30 12.98 13.36
C GLN A 106 13.16 12.50 14.54
N ARG A 107 12.84 12.98 15.74
CA ARG A 107 13.65 12.78 16.95
C ARG A 107 13.54 11.33 17.45
N HIS A 108 12.34 10.74 17.45
CA HIS A 108 12.11 9.41 18.10
C HIS A 108 11.85 8.31 17.07
N ARG A 109 12.18 8.56 15.80
CA ARG A 109 11.95 7.63 14.68
C ARG A 109 12.18 6.18 15.12
N ALA A 110 13.33 5.94 15.77
CA ALA A 110 13.82 4.59 15.98
C ALA A 110 12.89 3.80 16.89
N ARG A 111 12.12 4.49 17.74
CA ARG A 111 11.29 3.74 18.69
C ARG A 111 9.80 3.85 18.35
N LEU A 112 9.47 4.25 17.11
CA LEU A 112 8.06 4.33 16.65
C LEU A 112 7.88 3.37 15.46
N ASP A 113 7.10 2.30 15.64
CA ASP A 113 6.86 1.32 14.58
C ASP A 113 5.60 1.71 13.78
N ALA A 114 5.29 0.94 12.73
CA ALA A 114 4.15 1.22 11.86
C ALA A 114 2.85 1.28 12.68
N SER A 115 2.72 0.39 13.65
CA SER A 115 1.58 0.36 14.56
C SER A 115 1.39 1.74 15.21
N ARG A 116 2.48 2.34 15.68
CA ARG A 116 2.39 3.60 16.41
C ARG A 116 1.93 4.71 15.45
N LEU A 117 2.46 4.71 14.23
CA LEU A 117 2.03 5.70 13.25
C LEU A 117 0.53 5.52 12.95
N LEU A 118 0.04 4.28 12.92
CA LEU A 118 -1.37 4.02 12.68
C LEU A 118 -2.22 4.55 13.83
N LEU A 119 -1.73 4.39 15.06
CA LEU A 119 -2.37 4.92 16.23
C LEU A 119 -2.53 6.45 16.08
N TYR A 120 -1.45 7.12 15.66
CA TYR A 120 -1.47 8.57 15.47
C TYR A 120 -2.46 8.93 14.35
N SER A 121 -2.40 8.17 13.25
CA SER A 121 -3.31 8.35 12.11
C SER A 121 -4.76 8.29 12.59
N SER A 122 -5.07 7.28 13.40
CA SER A 122 -6.39 7.04 13.89
C SER A 122 -6.86 8.19 14.78
N GLN A 123 -5.98 8.67 15.65
CA GLN A 123 -6.29 9.76 16.59
C GLN A 123 -6.58 11.06 15.80
N ILE A 124 -5.72 11.37 14.82
CA ILE A 124 -5.87 12.56 14.01
C ILE A 124 -7.20 12.49 13.22
N CYS A 125 -7.46 11.31 12.64
CA CYS A 125 -8.68 11.06 11.93
C CYS A 125 -9.92 11.31 12.81
N LYS A 126 -9.94 10.74 14.02
CA LYS A 126 -11.04 10.92 14.94
C LYS A 126 -11.21 12.41 15.23
N GLY A 127 -10.09 13.07 15.47
CA GLY A 127 -10.08 14.49 15.70
C GLY A 127 -10.74 15.25 14.57
N MET A 128 -10.36 14.93 13.33
CA MET A 128 -10.90 15.58 12.16
C MET A 128 -12.38 15.19 11.98
N GLU A 129 -12.74 13.95 12.31
CA GLU A 129 -14.12 13.54 12.24
C GLU A 129 -14.96 14.44 13.16
N TYR A 130 -14.46 14.68 14.36
CA TYR A 130 -15.17 15.46 15.34
C TYR A 130 -15.33 16.90 14.84
N LEU A 131 -14.25 17.47 14.28
CA LEU A 131 -14.28 18.82 13.70
C LEU A 131 -15.40 18.94 12.65
N GLY A 132 -15.37 18.04 11.68
CA GLY A 132 -16.39 17.98 10.66
C GLY A 132 -17.81 18.06 11.22
N SER A 133 -18.03 17.37 12.34
CA SER A 133 -19.34 17.28 12.94
C SER A 133 -19.74 18.62 13.59
N ARG A 134 -18.77 19.52 13.84
CA ARG A 134 -19.08 20.90 14.29
C ARG A 134 -18.98 21.88 13.10
N ARG A 135 -18.95 21.36 11.88
CA ARG A 135 -18.93 22.16 10.64
C ARG A 135 -17.72 23.10 10.65
N CYS A 136 -16.60 22.60 11.16
CA CYS A 136 -15.35 23.35 11.20
C CYS A 136 -14.37 22.76 10.17
N VAL A 137 -13.83 23.62 9.33
CA VAL A 137 -12.68 23.30 8.49
C VAL A 137 -11.41 23.78 9.22
N HIS A 138 -10.40 22.91 9.30
CA HIS A 138 -9.12 23.24 9.93
C HIS A 138 -8.19 23.96 8.96
N ARG A 139 -8.02 23.39 7.77
CA ARG A 139 -7.24 23.97 6.66
C ARG A 139 -5.73 23.77 6.81
N ALA A 140 -5.18 24.04 7.99
CA ALA A 140 -3.69 24.10 8.19
C ALA A 140 -3.10 22.73 8.51
N LEU A 141 -3.95 21.73 8.75
CA LEU A 141 -3.54 20.41 9.20
C LEU A 141 -2.24 19.96 8.51
N ALA A 142 -1.21 19.74 9.32
CA ALA A 142 0.05 19.18 8.90
C ALA A 142 0.84 18.75 10.14
N ALA A 143 1.82 17.89 9.94
CA ALA A 143 2.56 17.31 11.08
C ALA A 143 3.17 18.44 11.93
N ARG A 144 3.51 19.57 11.31
CA ARG A 144 4.18 20.64 12.01
C ARG A 144 3.21 21.34 12.98
N ASN A 145 1.89 21.14 12.86
CA ASN A 145 0.96 21.81 13.81
C ASN A 145 0.12 20.80 14.61
N ILE A 146 0.28 19.50 14.36
CA ILE A 146 -0.26 18.48 15.28
C ILE A 146 0.72 18.36 16.47
N LEU A 147 0.17 18.20 17.68
CA LEU A 147 0.95 18.21 18.89
C LEU A 147 0.97 16.81 19.49
N VAL A 148 1.99 16.56 20.30
CA VAL A 148 2.15 15.30 20.93
C VAL A 148 1.95 15.48 22.44
N GLU A 149 0.87 14.91 22.96
CA GLU A 149 0.65 14.92 24.37
C GLU A 149 1.58 13.92 25.05
N SER A 150 1.71 12.75 24.42
CA SER A 150 2.53 11.68 24.88
C SER A 150 2.90 10.81 23.69
N GLU A 151 3.79 9.86 23.93
CA GLU A 151 4.23 8.89 22.94
C GLU A 151 3.04 8.10 22.38
N ALA A 152 1.92 8.11 23.12
CA ALA A 152 0.77 7.30 22.80
C ALA A 152 -0.43 8.16 22.36
N HIS A 153 -0.23 9.46 22.12
CA HIS A 153 -1.38 10.39 22.06
C HIS A 153 -1.00 11.72 21.37
N VAL A 154 -1.57 11.95 20.19
CA VAL A 154 -1.46 13.24 19.51
C VAL A 154 -2.82 13.95 19.54
N LYS A 155 -2.75 15.27 19.27
CA LYS A 155 -3.92 16.10 19.18
C LYS A 155 -3.71 17.14 18.08
N ILE A 156 -4.82 17.51 17.43
CA ILE A 156 -4.84 18.58 16.48
C ILE A 156 -4.77 19.93 17.22
N ALA A 157 -4.01 20.85 16.63
CA ALA A 157 -3.82 22.19 17.16
C ALA A 157 -3.68 23.19 16.01
N ASP A 158 -3.35 24.42 16.38
CA ASP A 158 -3.23 25.60 15.52
C ASP A 158 -4.50 25.79 14.69
N PHE A 159 -5.48 26.46 15.28
CA PHE A 159 -6.76 26.78 14.65
C PHE A 159 -6.73 28.21 14.08
N GLY A 160 -5.52 28.69 13.76
CA GLY A 160 -5.32 30.05 13.24
C GLY A 160 -6.02 30.30 11.91
N LEU A 161 -6.23 29.25 11.12
CA LEU A 161 -6.87 29.35 9.81
C LEU A 161 -8.21 28.61 9.83
N ALA A 162 -8.59 28.03 10.96
CA ALA A 162 -9.82 27.31 11.07
C ALA A 162 -10.99 28.27 10.83
N LYS A 163 -12.05 27.75 10.22
CA LYS A 163 -13.24 28.53 9.94
C LYS A 163 -14.45 27.60 9.97
N LEU A 164 -15.55 28.09 10.57
CA LEU A 164 -16.84 27.41 10.51
C LEU A 164 -17.43 27.57 9.10
N LEU A 165 -18.06 26.51 8.60
CA LEU A 165 -18.68 26.54 7.29
C LEU A 165 -19.84 27.54 7.32
N PRO A 166 -20.13 28.21 6.18
CA PRO A 166 -21.39 28.92 6.04
C PRO A 166 -22.53 27.97 6.41
N LEU A 167 -23.60 28.52 6.96
CA LEU A 167 -24.73 27.72 7.43
C LEU A 167 -25.52 27.13 6.24
N ASP A 168 -25.26 27.59 5.01
CA ASP A 168 -26.02 27.21 3.81
C ASP A 168 -25.11 26.55 2.74
N LYS A 169 -23.88 26.16 3.13
CA LYS A 169 -22.88 25.63 2.17
C LYS A 169 -21.90 24.67 2.88
N ASP A 170 -21.22 23.83 2.10
CA ASP A 170 -20.30 22.85 2.59
C ASP A 170 -18.87 23.25 2.24
N TYR A 171 -18.69 24.47 1.74
CA TYR A 171 -17.38 24.99 1.44
C TYR A 171 -17.39 26.50 1.65
N TYR A 172 -16.21 27.12 1.54
CA TYR A 172 -16.09 28.57 1.53
C TYR A 172 -14.95 28.99 0.60
N VAL A 173 -14.96 30.26 0.19
CA VAL A 173 -13.89 30.86 -0.58
C VAL A 173 -13.18 31.90 0.29
N VAL A 174 -11.83 31.91 0.27
CA VAL A 174 -11.07 33.01 0.90
C VAL A 174 -10.54 33.95 -0.17
N ARG A 175 -10.62 35.26 0.10
CA ARG A 175 -10.28 36.36 -0.83
C ARG A 175 -8.76 36.48 -1.00
N GLU A 176 -8.00 36.43 0.11
CA GLU A 176 -6.51 36.55 0.08
C GLU A 176 -5.88 35.41 0.87
N PRO A 177 -5.27 34.39 0.20
CA PRO A 177 -4.72 33.22 0.91
C PRO A 177 -3.37 33.42 1.65
N GLY A 178 -2.78 34.62 1.54
CA GLY A 178 -1.48 34.92 2.15
C GLY A 178 -0.35 34.16 1.47
N GLN A 179 0.70 33.82 2.24
CA GLN A 179 1.85 33.07 1.72
C GLN A 179 1.99 31.75 2.52
N SER A 180 0.87 31.01 2.63
CA SER A 180 0.83 29.72 3.33
C SER A 180 1.46 28.63 2.46
N PRO A 181 1.95 27.51 3.05
CA PRO A 181 2.61 26.46 2.26
C PRO A 181 1.59 25.65 1.46
N ILE A 182 1.92 25.36 0.19
CA ILE A 182 0.94 24.94 -0.82
C ILE A 182 0.85 23.41 -0.92
N PHE A 183 1.82 22.69 -0.33
CA PHE A 183 2.02 21.26 -0.63
C PHE A 183 1.04 20.36 0.15
N TRP A 184 0.20 20.95 1.01
CA TRP A 184 -0.85 20.22 1.78
C TRP A 184 -2.26 20.48 1.23
N TYR A 185 -2.36 21.38 0.24
CA TYR A 185 -3.63 21.93 -0.15
C TYR A 185 -4.20 21.14 -1.33
N ALA A 186 -5.52 20.94 -1.31
CA ALA A 186 -6.26 20.27 -2.40
C ALA A 186 -6.26 21.15 -3.65
N PRO A 187 -6.36 20.55 -4.85
CA PRO A 187 -6.39 21.31 -6.10
C PRO A 187 -7.39 22.47 -6.13
N GLU A 188 -8.60 22.24 -5.59
CA GLU A 188 -9.67 23.26 -5.57
C GLU A 188 -9.28 24.43 -4.66
N SER A 189 -8.42 24.16 -3.67
CA SER A 189 -7.87 25.22 -2.81
C SER A 189 -6.81 26.01 -3.60
N LEU A 190 -5.94 25.29 -4.31
CA LEU A 190 -4.89 25.91 -5.08
C LEU A 190 -5.51 26.75 -6.21
N SER A 191 -6.48 26.19 -6.94
CA SER A 191 -6.98 26.82 -8.16
C SER A 191 -8.00 27.93 -7.86
N ASP A 192 -8.85 27.74 -6.83
CA ASP A 192 -10.00 28.65 -6.61
C ASP A 192 -10.15 29.07 -5.15
N ASN A 193 -9.13 28.78 -4.33
CA ASN A 193 -9.16 29.10 -2.91
C ASN A 193 -10.45 28.59 -2.26
N ILE A 194 -10.87 27.38 -2.63
CA ILE A 194 -12.00 26.72 -1.99
C ILE A 194 -11.48 25.82 -0.87
N PHE A 195 -12.19 25.82 0.26
CA PHE A 195 -11.83 25.00 1.39
C PHE A 195 -13.08 24.36 1.96
N SER A 196 -12.92 23.13 2.41
CA SER A 196 -14.01 22.34 2.87
C SER A 196 -13.47 21.21 3.73
N ARG A 197 -14.40 20.46 4.33
CA ARG A 197 -14.07 19.27 5.06
C ARG A 197 -13.41 18.27 4.10
N GLN A 198 -13.72 18.39 2.79
CA GLN A 198 -13.21 17.48 1.80
C GLN A 198 -11.79 17.90 1.38
N SER A 199 -11.48 19.20 1.43
CA SER A 199 -10.08 19.64 1.27
C SER A 199 -9.27 19.22 2.51
N ASP A 200 -9.90 19.21 3.69
CA ASP A 200 -9.24 18.73 4.91
C ASP A 200 -8.79 17.28 4.74
N VAL A 201 -9.63 16.47 4.07
CA VAL A 201 -9.34 15.06 3.86
C VAL A 201 -8.09 14.93 2.98
N TRP A 202 -8.01 15.75 1.93
CA TRP A 202 -6.80 15.82 1.11
C TRP A 202 -5.58 16.08 1.99
N SER A 203 -5.66 17.09 2.85
CA SER A 203 -4.55 17.48 3.70
C SER A 203 -4.18 16.31 4.62
N PHE A 204 -5.19 15.62 5.15
CA PHE A 204 -4.96 14.47 6.01
C PHE A 204 -4.13 13.40 5.27
N GLY A 205 -4.41 13.19 3.97
CA GLY A 205 -3.60 12.33 3.11
C GLY A 205 -2.14 12.71 3.15
N VAL A 206 -1.86 14.01 3.11
CA VAL A 206 -0.48 14.48 3.14
C VAL A 206 0.13 14.23 4.52
N VAL A 207 -0.70 14.33 5.56
CA VAL A 207 -0.24 14.05 6.92
C VAL A 207 0.11 12.57 7.07
N LEU A 208 -0.65 11.69 6.40
CA LEU A 208 -0.35 10.27 6.42
C LEU A 208 1.00 10.05 5.76
N TYR A 209 1.26 10.78 4.66
CA TYR A 209 2.53 10.74 3.98
C TYR A 209 3.65 11.16 4.95
N GLU A 210 3.41 12.25 5.69
CA GLU A 210 4.37 12.77 6.65
C GLU A 210 4.65 11.70 7.71
N LEU A 211 3.60 11.17 8.33
CA LEU A 211 3.74 10.17 9.38
C LEU A 211 4.62 9.01 8.87
N PHE A 212 4.32 8.48 7.67
CA PHE A 212 4.90 7.22 7.24
C PHE A 212 6.29 7.42 6.59
N THR A 213 6.70 8.68 6.40
CA THR A 213 8.09 9.03 6.09
C THR A 213 8.81 9.54 7.34
N TYR A 214 8.15 9.46 8.50
CA TYR A 214 8.66 10.04 9.73
C TYR A 214 9.18 11.46 9.52
N CYS A 215 8.56 12.19 8.58
CA CYS A 215 8.89 13.59 8.25
C CYS A 215 10.39 13.75 7.95
N ASP A 216 10.99 12.73 7.34
CA ASP A 216 12.33 12.82 6.81
C ASP A 216 12.37 14.00 5.83
N LYS A 217 13.43 14.83 5.94
CA LYS A 217 13.53 16.10 5.20
C LYS A 217 13.79 15.85 3.71
N SER A 218 14.43 14.72 3.40
CA SER A 218 14.91 14.42 2.04
C SER A 218 13.76 13.94 1.15
N CYS A 219 12.62 13.58 1.77
CA CYS A 219 11.44 13.18 1.04
C CYS A 219 10.19 13.83 1.65
N SER A 220 10.34 15.06 2.13
CA SER A 220 9.23 15.89 2.53
C SER A 220 8.41 16.27 1.30
N PRO A 221 7.14 16.70 1.48
CA PRO A 221 6.31 17.13 0.35
C PRO A 221 7.02 18.18 -0.53
N SER A 222 7.60 19.21 0.12
CA SER A 222 8.27 20.29 -0.60
C SER A 222 9.47 19.75 -1.38
N ALA A 223 10.23 18.84 -0.77
CA ALA A 223 11.42 18.25 -1.42
C ALA A 223 10.99 17.44 -2.64
N GLU A 224 9.85 16.76 -2.54
CA GLU A 224 9.39 15.84 -3.58
C GLU A 224 8.80 16.62 -4.76
N PHE A 225 8.28 17.83 -4.51
CA PHE A 225 7.81 18.69 -5.59
C PHE A 225 9.00 19.16 -6.43
N LEU A 226 10.06 19.62 -5.77
CA LEU A 226 11.24 20.15 -6.46
C LEU A 226 11.86 19.07 -7.35
N ARG A 227 11.94 17.85 -6.84
CA ARG A 227 12.41 16.67 -7.62
C ARG A 227 11.47 16.46 -8.83
N MET A 228 10.17 16.70 -8.63
CA MET A 228 9.11 16.36 -9.60
C MET A 228 8.72 17.58 -10.46
N MET A 229 9.65 18.52 -10.63
CA MET A 229 9.58 19.46 -11.73
C MET A 229 10.94 19.51 -12.45
N ALA A 237 5.20 28.40 -9.42
CA ALA A 237 5.28 27.31 -8.43
C ALA A 237 3.89 26.73 -8.15
N LEU A 238 2.97 27.61 -7.70
CA LEU A 238 1.56 27.29 -7.48
C LEU A 238 0.95 26.70 -8.76
N SER A 239 1.18 27.36 -9.90
CA SER A 239 0.65 26.94 -11.20
C SER A 239 1.18 25.56 -11.58
N ARG A 240 2.45 25.30 -11.24
CA ARG A 240 3.15 24.10 -11.68
C ARG A 240 2.65 22.89 -10.89
N LEU A 241 2.50 23.05 -9.56
CA LEU A 241 2.00 21.98 -8.69
C LEU A 241 0.58 21.57 -9.12
N LEU A 242 -0.25 22.59 -9.30
CA LEU A 242 -1.63 22.42 -9.73
C LEU A 242 -1.70 21.59 -11.01
N GLU A 243 -0.74 21.80 -11.93
CA GLU A 243 -0.70 21.08 -13.22
C GLU A 243 -0.35 19.60 -13.01
N LEU A 244 0.66 19.34 -12.17
CA LEU A 244 1.02 17.97 -11.77
C LEU A 244 -0.21 17.23 -11.25
N LEU A 245 -0.95 17.87 -10.34
CA LEU A 245 -2.03 17.23 -9.64
C LEU A 245 -3.16 16.91 -10.61
N GLU A 246 -3.42 17.84 -11.53
CA GLU A 246 -4.50 17.67 -12.52
C GLU A 246 -4.12 16.54 -13.49
N GLU A 247 -2.82 16.34 -13.73
CA GLU A 247 -2.31 15.24 -14.56
C GLU A 247 -2.40 13.90 -13.82
N GLY A 248 -2.56 13.94 -12.50
CA GLY A 248 -2.73 12.72 -11.68
C GLY A 248 -1.44 12.29 -10.98
N GLN A 249 -0.40 13.13 -11.04
CA GLN A 249 0.84 12.89 -10.28
C GLN A 249 0.57 13.12 -8.79
N ARG A 250 1.14 12.24 -7.95
CA ARG A 250 1.00 12.29 -6.50
C ARG A 250 2.35 12.04 -5.84
N LEU A 251 2.45 12.35 -4.55
CA LEU A 251 3.60 11.95 -3.76
C LEU A 251 3.80 10.45 -3.90
N PRO A 252 5.05 9.95 -3.92
CA PRO A 252 5.31 8.53 -4.03
C PRO A 252 5.08 7.80 -2.71
N ALA A 253 4.86 6.49 -2.79
CA ALA A 253 4.73 5.64 -1.62
C ALA A 253 5.97 5.78 -0.75
N PRO A 254 5.84 6.15 0.53
CA PRO A 254 6.97 6.13 1.46
C PRO A 254 7.65 4.77 1.50
N PRO A 255 8.99 4.75 1.70
CA PRO A 255 9.78 3.52 1.64
C PRO A 255 9.14 2.23 2.18
N ALA A 256 8.81 2.18 3.47
CA ALA A 256 8.34 0.91 4.06
C ALA A 256 6.83 0.98 4.36
N CYS A 257 6.11 1.84 3.63
CA CYS A 257 4.67 2.09 3.87
C CYS A 257 3.87 0.83 3.59
N PRO A 258 3.01 0.35 4.53
CA PRO A 258 2.06 -0.70 4.22
C PRO A 258 1.21 -0.29 3.01
N ALA A 259 1.04 -1.23 2.07
CA ALA A 259 0.34 -1.00 0.81
C ALA A 259 -1.01 -0.32 1.07
N GLU A 260 -1.75 -0.82 2.07
CA GLU A 260 -3.12 -0.37 2.35
C GLU A 260 -3.13 1.10 2.81
N VAL A 261 -2.07 1.55 3.50
CA VAL A 261 -1.99 2.95 3.94
C VAL A 261 -1.77 3.84 2.72
N HIS A 262 -0.87 3.41 1.82
CA HIS A 262 -0.60 4.16 0.59
C HIS A 262 -1.89 4.30 -0.24
N GLU A 263 -2.68 3.23 -0.32
CA GLU A 263 -3.94 3.25 -1.04
C GLU A 263 -4.87 4.29 -0.40
N LEU A 264 -4.93 4.34 0.93
CA LEU A 264 -5.80 5.30 1.62
C LEU A 264 -5.39 6.73 1.29
N MET A 265 -4.07 6.99 1.24
CA MET A 265 -3.56 8.30 0.82
C MET A 265 -4.11 8.64 -0.56
N LYS A 266 -3.98 7.70 -1.49
CA LYS A 266 -4.35 7.96 -2.87
C LYS A 266 -5.84 8.29 -2.96
N LEU A 267 -6.67 7.67 -2.11
CA LEU A 267 -8.11 7.95 -2.06
C LEU A 267 -8.36 9.35 -1.50
N CYS A 268 -7.61 9.71 -0.45
CA CYS A 268 -7.68 11.04 0.13
C CYS A 268 -7.36 12.10 -0.92
N TRP A 269 -6.52 11.72 -1.89
CA TRP A 269 -6.06 12.63 -2.95
C TRP A 269 -6.87 12.45 -4.24
N ALA A 270 -8.13 12.02 -4.15
CA ALA A 270 -8.98 12.00 -5.36
C ALA A 270 -9.11 13.43 -5.90
N PRO A 271 -9.04 13.61 -7.24
CA PRO A 271 -9.20 14.93 -7.86
C PRO A 271 -10.48 15.65 -7.42
N SER A 272 -11.59 14.91 -7.42
CA SER A 272 -12.89 15.46 -7.14
C SER A 272 -13.20 15.31 -5.65
N PRO A 273 -13.49 16.42 -4.94
CA PRO A 273 -13.79 16.37 -3.50
C PRO A 273 -14.83 15.33 -3.07
N GLN A 274 -15.84 15.10 -3.91
CA GLN A 274 -16.97 14.20 -3.59
C GLN A 274 -16.51 12.72 -3.63
N ASP A 275 -15.38 12.45 -4.29
CA ASP A 275 -14.84 11.07 -4.41
C ASP A 275 -13.88 10.74 -3.27
N ARG A 276 -13.52 11.73 -2.44
CA ARG A 276 -12.64 11.47 -1.32
C ARG A 276 -13.47 10.81 -0.22
N PRO A 277 -12.84 9.90 0.57
CA PRO A 277 -13.54 9.29 1.69
C PRO A 277 -13.81 10.36 2.75
N SER A 278 -14.84 10.13 3.55
CA SER A 278 -15.09 10.88 4.71
C SER A 278 -14.14 10.40 5.83
N PHE A 279 -13.94 11.26 6.84
CA PHE A 279 -13.19 10.90 8.00
C PHE A 279 -13.88 9.72 8.70
N SER A 280 -15.21 9.67 8.62
CA SER A 280 -15.98 8.61 9.28
C SER A 280 -15.67 7.24 8.63
N ALA A 281 -15.35 7.25 7.34
CA ALA A 281 -15.07 6.02 6.60
C ALA A 281 -13.60 5.63 6.79
N LEU A 282 -12.73 6.62 6.92
CA LEU A 282 -11.29 6.41 7.12
C LEU A 282 -11.03 5.79 8.49
N GLY A 283 -11.75 6.28 9.50
CA GLY A 283 -11.54 5.90 10.87
C GLY A 283 -11.42 4.39 11.03
N PRO A 284 -12.50 3.63 10.76
CA PRO A 284 -12.47 2.17 10.90
C PRO A 284 -11.40 1.51 10.04
N GLN A 285 -11.10 2.06 8.86
CA GLN A 285 -10.13 1.44 7.97
C GLN A 285 -8.73 1.51 8.60
N LEU A 286 -8.39 2.68 9.18
CA LEU A 286 -7.14 2.83 9.87
C LEU A 286 -7.11 1.95 11.13
N ASP A 287 -8.20 1.91 11.88
CA ASP A 287 -8.25 1.14 13.12
C ASP A 287 -8.06 -0.36 12.84
N MET A 288 -8.52 -0.86 11.68
CA MET A 288 -8.48 -2.28 11.41
C MET A 288 -7.13 -2.66 10.80
N LEU A 289 -6.45 -1.71 10.17
CA LEU A 289 -5.05 -1.89 9.79
C LEU A 289 -4.16 -1.99 11.04
N TRP A 290 -4.49 -1.21 12.08
CA TRP A 290 -3.77 -1.23 13.36
C TRP A 290 -3.90 -2.61 14.01
N SER A 291 -5.14 -3.09 14.17
CA SER A 291 -5.43 -4.41 14.73
C SER A 291 -4.60 -5.48 14.01
N GLY A 292 -4.54 -5.38 12.67
CA GLY A 292 -3.90 -6.36 11.81
C GLY A 292 -2.38 -6.22 11.71
N SER A 293 -1.82 -5.17 12.32
CA SER A 293 -0.36 -4.93 12.25
C SER A 293 0.32 -5.33 13.57
N ARG A 294 -0.47 -5.34 14.65
CA ARG A 294 0.07 -5.41 16.02
C ARG A 294 -0.42 -6.71 16.64
N PRO B 5 37.20 6.14 -32.97
CA PRO B 5 36.07 5.25 -32.68
C PRO B 5 35.55 5.37 -31.22
N THR B 6 36.19 6.26 -30.45
CA THR B 6 35.93 6.47 -29.05
C THR B 6 34.89 7.61 -28.89
N ILE B 7 34.47 8.22 -30.02
CA ILE B 7 33.51 9.34 -30.07
C ILE B 7 32.17 8.81 -30.60
N PHE B 8 31.13 8.99 -29.79
CA PHE B 8 29.81 8.53 -30.12
C PHE B 8 28.97 9.75 -30.51
N GLU B 9 28.40 9.69 -31.72
CA GLU B 9 27.62 10.77 -32.28
C GLU B 9 26.25 10.79 -31.60
N GLU B 10 25.87 11.96 -31.05
CA GLU B 10 24.59 12.13 -30.38
C GLU B 10 23.45 11.53 -31.24
N ARG B 11 23.49 11.81 -32.54
CA ARG B 11 22.40 11.53 -33.45
C ARG B 11 22.19 10.01 -33.58
N HIS B 12 23.26 9.22 -33.34
CA HIS B 12 23.21 7.75 -33.48
C HIS B 12 22.94 7.06 -32.14
N LEU B 13 22.93 7.80 -31.02
CA LEU B 13 22.55 7.24 -29.71
C LEU B 13 21.03 7.28 -29.57
N LYS B 14 20.37 6.13 -29.74
CA LYS B 14 18.91 6.05 -29.70
C LYS B 14 18.48 5.79 -28.26
N TYR B 15 17.74 6.73 -27.69
CA TYR B 15 17.21 6.58 -26.35
C TYR B 15 16.28 5.37 -26.27
N ILE B 16 16.46 4.54 -25.24
CA ILE B 16 15.60 3.42 -24.97
C ILE B 16 14.86 3.63 -23.65
N SER B 17 15.57 3.74 -22.53
CA SER B 17 14.89 3.99 -21.27
C SER B 17 15.89 4.45 -20.22
N GLN B 18 15.40 4.86 -19.06
CA GLN B 18 16.19 5.31 -17.95
C GLN B 18 16.54 4.11 -17.07
N LEU B 19 17.82 4.03 -16.70
CA LEU B 19 18.34 2.97 -15.82
C LEU B 19 18.40 3.47 -14.38
N GLY B 20 18.73 4.75 -14.18
CA GLY B 20 18.73 5.34 -12.85
C GLY B 20 18.95 6.83 -12.90
N LYS B 21 18.61 7.50 -11.79
CA LYS B 21 18.57 8.94 -11.71
C LYS B 21 19.00 9.32 -10.29
N GLY B 22 20.06 10.13 -10.19
CA GLY B 22 20.43 10.84 -8.94
C GLY B 22 19.77 12.21 -8.89
N ASN B 23 20.35 13.11 -8.09
CA ASN B 23 19.89 14.50 -7.99
C ASN B 23 20.74 15.42 -8.88
N PHE B 24 21.93 14.96 -9.28
CA PHE B 24 22.82 15.73 -10.16
C PHE B 24 23.10 14.98 -11.47
N GLY B 25 22.64 13.72 -11.59
CA GLY B 25 22.91 12.92 -12.81
C GLY B 25 22.00 11.72 -13.00
N SER B 26 22.08 11.13 -14.20
CA SER B 26 21.27 9.99 -14.60
C SER B 26 22.07 9.06 -15.52
N VAL B 27 21.61 7.81 -15.60
CA VAL B 27 22.08 6.84 -16.57
C VAL B 27 20.90 6.40 -17.44
N GLU B 28 21.14 6.33 -18.75
CA GLU B 28 20.13 5.95 -19.72
C GLU B 28 20.64 4.77 -20.52
N LEU B 29 19.77 3.81 -20.76
CA LEU B 29 19.99 2.80 -21.76
C LEU B 29 19.73 3.40 -23.15
N CYS B 30 20.71 3.22 -24.05
CA CYS B 30 20.62 3.63 -25.44
C CYS B 30 21.16 2.53 -26.32
N ARG B 31 20.82 2.61 -27.61
CA ARG B 31 21.41 1.76 -28.64
C ARG B 31 22.24 2.67 -29.53
N TYR B 32 23.54 2.38 -29.65
CA TYR B 32 24.35 3.04 -30.63
C TYR B 32 24.13 2.37 -31.98
N ASP B 33 23.27 3.01 -32.79
CA ASP B 33 22.68 2.37 -33.97
C ASP B 33 22.93 3.21 -35.21
N PRO B 34 24.21 3.36 -35.65
CA PRO B 34 24.53 4.12 -36.86
C PRO B 34 23.86 3.54 -38.13
N LEU B 35 23.66 2.21 -38.19
CA LEU B 35 23.06 1.55 -39.36
C LEU B 35 21.54 1.73 -39.37
N GLY B 36 20.94 2.02 -38.22
CA GLY B 36 19.52 2.39 -38.09
C GLY B 36 18.57 1.19 -38.14
N ASP B 37 19.09 -0.03 -37.96
CA ASP B 37 18.33 -1.28 -38.12
C ASP B 37 18.21 -2.02 -36.77
N ASN B 38 18.56 -1.33 -35.67
CA ASN B 38 18.51 -1.87 -34.28
C ASN B 38 19.38 -3.13 -34.13
N THR B 39 20.49 -3.24 -34.89
CA THR B 39 21.51 -4.29 -34.68
C THR B 39 22.70 -3.74 -33.87
N GLY B 40 22.76 -2.40 -33.72
CA GLY B 40 23.78 -1.75 -32.94
C GLY B 40 23.82 -2.26 -31.50
N ALA B 41 24.89 -1.91 -30.80
CA ALA B 41 25.13 -2.37 -29.44
C ALA B 41 24.38 -1.49 -28.42
N LEU B 42 23.87 -2.12 -27.35
CA LEU B 42 23.38 -1.39 -26.21
C LEU B 42 24.59 -0.76 -25.47
N VAL B 43 24.41 0.48 -25.02
CA VAL B 43 25.34 1.14 -24.16
C VAL B 43 24.55 1.83 -23.04
N ALA B 44 25.20 2.03 -21.90
CA ALA B 44 24.69 2.85 -20.83
C ALA B 44 25.37 4.22 -20.90
N VAL B 45 24.59 5.27 -20.76
CA VAL B 45 25.07 6.60 -20.95
C VAL B 45 24.73 7.43 -19.73
N LYS B 46 25.78 8.02 -19.12
CA LYS B 46 25.64 8.86 -17.96
C LYS B 46 25.77 10.33 -18.39
N GLN B 47 24.90 11.18 -17.81
CA GLN B 47 24.97 12.60 -18.00
C GLN B 47 24.54 13.29 -16.71
N LEU B 48 24.96 14.55 -16.53
CA LEU B 48 24.49 15.39 -15.41
C LEU B 48 23.25 16.20 -15.81
N GLN B 49 22.39 16.45 -14.83
CA GLN B 49 21.35 17.48 -14.89
C GLN B 49 21.51 18.40 -13.67
N HIS B 50 21.11 19.67 -13.81
CA HIS B 50 21.20 20.68 -12.72
C HIS B 50 22.58 20.66 -12.07
N SER B 51 23.62 20.57 -12.89
CA SER B 51 24.98 20.46 -12.42
C SER B 51 25.63 21.85 -12.39
N GLY B 52 26.25 22.17 -11.27
CA GLY B 52 27.15 23.31 -11.16
C GLY B 52 28.50 23.00 -11.81
N PRO B 53 29.38 24.02 -11.99
CA PRO B 53 30.75 23.81 -12.46
C PRO B 53 31.58 22.79 -11.66
N ASP B 54 31.37 22.77 -10.34
CA ASP B 54 32.04 21.81 -9.42
C ASP B 54 31.73 20.37 -9.88
N GLN B 55 30.46 20.10 -10.16
CA GLN B 55 30.02 18.77 -10.51
C GLN B 55 30.53 18.41 -11.91
N GLN B 56 30.54 19.38 -12.81
CA GLN B 56 31.05 19.17 -14.17
C GLN B 56 32.52 18.75 -14.12
N ARG B 57 33.32 19.38 -13.24
CA ARG B 57 34.74 19.04 -13.10
CA ARG B 57 34.74 19.03 -13.10
C ARG B 57 34.88 17.61 -12.53
N ASP B 58 34.08 17.29 -11.50
CA ASP B 58 34.12 15.98 -10.88
C ASP B 58 33.87 14.92 -11.97
N PHE B 59 32.91 15.20 -12.86
CA PHE B 59 32.49 14.28 -13.88
C PHE B 59 33.60 14.08 -14.93
N GLN B 60 34.30 15.16 -15.27
CA GLN B 60 35.46 15.08 -16.14
C GLN B 60 36.52 14.14 -15.55
N ARG B 61 36.73 14.21 -14.23
CA ARG B 61 37.73 13.36 -13.55
C ARG B 61 37.26 11.91 -13.59
N GLU B 62 35.99 11.70 -13.25
CA GLU B 62 35.36 10.40 -13.23
C GLU B 62 35.55 9.70 -14.59
N ILE B 63 35.31 10.44 -15.68
CA ILE B 63 35.48 9.90 -16.99
C ILE B 63 36.94 9.49 -17.20
N GLN B 64 37.90 10.33 -16.77
CA GLN B 64 39.33 10.01 -16.99
C GLN B 64 39.73 8.78 -16.16
N ILE B 65 39.14 8.66 -14.96
CA ILE B 65 39.48 7.55 -14.10
C ILE B 65 39.00 6.25 -14.75
N LEU B 66 37.70 6.22 -15.09
CA LEU B 66 37.08 5.01 -15.60
C LEU B 66 37.77 4.58 -16.90
N LYS B 67 38.10 5.56 -17.73
CA LYS B 67 38.75 5.31 -19.00
C LYS B 67 40.11 4.64 -18.79
N ALA B 68 40.76 4.93 -17.66
CA ALA B 68 42.13 4.44 -17.47
C ALA B 68 42.13 3.04 -16.85
N LEU B 69 40.95 2.56 -16.38
CA LEU B 69 40.86 1.28 -15.71
C LEU B 69 40.55 0.18 -16.74
N HIS B 70 41.31 -0.91 -16.67
CA HIS B 70 41.15 -2.05 -17.58
C HIS B 70 41.10 -3.35 -16.79
N SER B 71 39.90 -3.73 -16.38
CA SER B 71 39.69 -4.93 -15.63
C SER B 71 38.39 -5.59 -16.07
N ASP B 72 38.37 -6.91 -16.07
CA ASP B 72 37.18 -7.70 -16.32
C ASP B 72 36.11 -7.46 -15.25
N PHE B 73 36.50 -6.86 -14.13
CA PHE B 73 35.62 -6.75 -12.97
C PHE B 73 35.26 -5.27 -12.71
N ILE B 74 35.52 -4.42 -13.69
CA ILE B 74 35.14 -3.00 -13.61
C ILE B 74 34.41 -2.59 -14.89
N VAL B 75 33.28 -1.91 -14.72
CA VAL B 75 32.41 -1.58 -15.86
C VAL B 75 33.29 -0.84 -16.88
N LYS B 76 33.12 -1.22 -18.14
CA LYS B 76 34.01 -0.82 -19.19
C LYS B 76 33.58 0.54 -19.77
N TYR B 77 34.54 1.45 -19.84
CA TYR B 77 34.45 2.68 -20.57
C TYR B 77 34.46 2.38 -22.07
N ARG B 78 33.55 3.02 -22.83
CA ARG B 78 33.49 2.87 -24.29
C ARG B 78 33.84 4.21 -24.94
N GLY B 79 33.40 5.33 -24.38
CA GLY B 79 33.69 6.63 -24.98
C GLY B 79 32.90 7.76 -24.36
N VAL B 80 32.86 8.88 -25.09
CA VAL B 80 32.08 10.06 -24.69
C VAL B 80 31.24 10.52 -25.88
N SER B 81 30.18 11.28 -25.57
CA SER B 81 29.39 11.99 -26.55
C SER B 81 29.31 13.46 -26.17
N TYR B 82 29.52 14.35 -27.14
CA TYR B 82 29.51 15.85 -26.94
C TYR B 82 28.24 16.44 -27.56
N SER B 88 27.08 19.18 -24.57
CA SER B 88 27.49 18.88 -23.19
C SER B 88 27.72 17.34 -22.99
N LEU B 89 28.69 17.06 -22.12
CA LEU B 89 29.47 15.80 -22.05
C LEU B 89 28.60 14.64 -21.56
N ARG B 90 28.69 13.52 -22.28
CA ARG B 90 28.02 12.27 -21.88
C ARG B 90 29.03 11.13 -21.87
N LEU B 91 28.97 10.28 -20.83
CA LEU B 91 29.86 9.12 -20.66
C LEU B 91 29.18 7.85 -21.17
N VAL B 92 29.82 7.16 -22.13
CA VAL B 92 29.28 5.98 -22.75
C VAL B 92 30.01 4.76 -22.18
N MET B 93 29.25 3.82 -21.62
CA MET B 93 29.79 2.59 -21.05
C MET B 93 29.07 1.39 -21.69
N GLU B 94 29.66 0.21 -21.59
CA GLU B 94 28.99 -1.01 -21.91
C GLU B 94 27.72 -1.14 -21.04
N TYR B 95 26.70 -1.80 -21.59
CA TYR B 95 25.49 -2.06 -20.86
C TYR B 95 25.60 -3.44 -20.23
N LEU B 96 25.38 -3.50 -18.92
CA LEU B 96 25.33 -4.74 -18.18
C LEU B 96 23.85 -5.02 -17.88
N PRO B 97 23.26 -6.03 -18.54
CA PRO B 97 21.79 -6.12 -18.67
C PRO B 97 21.04 -6.54 -17.41
N SER B 98 21.72 -7.15 -16.45
CA SER B 98 21.01 -7.70 -15.30
C SER B 98 20.96 -6.69 -14.14
N GLY B 99 21.52 -5.49 -14.35
CA GLY B 99 21.31 -4.36 -13.45
C GLY B 99 22.15 -4.44 -12.19
N CYS B 100 21.69 -3.78 -11.13
CA CYS B 100 22.43 -3.70 -9.93
C CYS B 100 22.30 -4.99 -9.12
N LEU B 101 23.36 -5.33 -8.37
CA LEU B 101 23.46 -6.58 -7.65
C LEU B 101 22.44 -6.63 -6.52
N ARG B 102 22.22 -5.50 -5.85
CA ARG B 102 21.25 -5.45 -4.74
C ARG B 102 19.91 -6.04 -5.21
N ASP B 103 19.36 -5.51 -6.31
CA ASP B 103 18.04 -5.93 -6.83
C ASP B 103 18.12 -7.36 -7.35
N PHE B 104 19.24 -7.72 -7.99
CA PHE B 104 19.43 -9.04 -8.58
C PHE B 104 19.38 -10.12 -7.49
N LEU B 105 20.03 -9.85 -6.36
CA LEU B 105 20.08 -10.80 -5.26
C LEU B 105 18.65 -10.99 -4.73
N GLN B 106 17.92 -9.89 -4.56
CA GLN B 106 16.53 -9.92 -4.08
C GLN B 106 15.67 -10.77 -5.03
N ARG B 107 15.82 -10.53 -6.34
CA ARG B 107 14.99 -11.11 -7.39
C ARG B 107 15.28 -12.62 -7.56
N HIS B 108 16.56 -13.02 -7.58
CA HIS B 108 16.96 -14.41 -7.95
C HIS B 108 17.44 -15.24 -6.75
N ARG B 109 17.17 -14.75 -5.53
CA ARG B 109 17.62 -15.37 -4.28
C ARG B 109 17.57 -16.91 -4.39
N ALA B 110 16.41 -17.43 -4.82
CA ALA B 110 16.11 -18.82 -4.66
C ALA B 110 17.05 -19.68 -5.53
N ARG B 111 17.61 -19.09 -6.60
CA ARG B 111 18.44 -19.93 -7.49
C ARG B 111 19.92 -19.52 -7.40
N LEU B 112 20.33 -18.85 -6.32
CA LEU B 112 21.76 -18.51 -6.08
C LEU B 112 22.24 -19.19 -4.79
N ASP B 113 23.22 -20.09 -4.92
CA ASP B 113 23.76 -20.83 -3.75
C ASP B 113 24.99 -20.09 -3.19
N ALA B 114 25.53 -20.60 -2.08
CA ALA B 114 26.68 -20.01 -1.40
C ALA B 114 27.87 -19.92 -2.36
N SER B 115 28.06 -20.95 -3.19
CA SER B 115 29.11 -20.94 -4.22
C SER B 115 29.02 -19.66 -5.07
N ARG B 116 27.81 -19.33 -5.50
CA ARG B 116 27.62 -18.23 -6.41
C ARG B 116 27.94 -16.91 -5.72
N LEU B 117 27.51 -16.77 -4.45
CA LEU B 117 27.84 -15.57 -3.71
C LEU B 117 29.37 -15.45 -3.55
N LEU B 118 30.06 -16.58 -3.38
CA LEU B 118 31.52 -16.56 -3.24
C LEU B 118 32.16 -16.14 -4.57
N LEU B 119 31.60 -16.59 -5.67
CA LEU B 119 32.06 -16.21 -7.00
C LEU B 119 31.99 -14.68 -7.13
N TYR B 120 30.86 -14.10 -6.72
CA TYR B 120 30.64 -12.67 -6.79
C TYR B 120 31.63 -11.95 -5.86
N SER B 121 31.79 -12.48 -4.64
CA SER B 121 32.74 -11.97 -3.66
C SER B 121 34.13 -11.91 -4.27
N SER B 122 34.54 -12.99 -4.92
CA SER B 122 35.85 -13.12 -5.52
C SER B 122 36.04 -12.07 -6.62
N GLN B 123 35.02 -11.89 -7.44
CA GLN B 123 35.08 -10.98 -8.58
C GLN B 123 35.19 -9.53 -8.09
N ILE B 124 34.38 -9.18 -7.11
CA ILE B 124 34.36 -7.86 -6.52
C ILE B 124 35.73 -7.56 -5.88
N CYS B 125 36.24 -8.55 -5.14
CA CYS B 125 37.54 -8.46 -4.53
C CYS B 125 38.65 -8.19 -5.57
N LYS B 126 38.67 -8.96 -6.65
CA LYS B 126 39.67 -8.77 -7.70
C LYS B 126 39.53 -7.38 -8.28
N GLY B 127 38.29 -6.96 -8.50
CA GLY B 127 38.02 -5.63 -8.98
C GLY B 127 38.61 -4.56 -8.08
N MET B 128 38.39 -4.71 -6.77
CA MET B 128 38.91 -3.76 -5.81
C MET B 128 40.43 -3.88 -5.72
N GLU B 129 40.97 -5.09 -5.86
CA GLU B 129 42.41 -5.26 -5.87
C GLU B 129 43.01 -4.44 -7.00
N TYR B 130 42.39 -4.50 -8.17
CA TYR B 130 42.90 -3.81 -9.33
C TYR B 130 42.83 -2.30 -9.10
N LEU B 131 41.71 -1.82 -8.57
CA LEU B 131 41.57 -0.39 -8.23
C LEU B 131 42.71 0.10 -7.33
N GLY B 132 42.91 -0.59 -6.22
CA GLY B 132 44.02 -0.29 -5.30
C GLY B 132 45.35 -0.14 -6.02
N SER B 133 45.59 -0.98 -7.03
CA SER B 133 46.84 -0.98 -7.75
C SER B 133 46.96 0.28 -8.63
N ARG B 134 45.83 0.96 -8.91
CA ARG B 134 45.87 2.26 -9.61
C ARG B 134 45.71 3.41 -8.61
N ARG B 135 45.82 3.11 -7.32
CA ARG B 135 45.75 4.11 -6.24
C ARG B 135 44.43 4.86 -6.32
N CYS B 136 43.36 4.12 -6.67
CA CYS B 136 42.01 4.66 -6.70
C CYS B 136 41.20 4.14 -5.51
N VAL B 137 40.61 5.06 -4.76
CA VAL B 137 39.61 4.75 -3.77
C VAL B 137 38.22 4.89 -4.43
N HIS B 138 37.36 3.86 -4.26
CA HIS B 138 36.02 3.86 -4.82
C HIS B 138 35.03 4.61 -3.92
N ARG B 139 35.06 4.25 -2.62
CA ARG B 139 34.30 4.95 -1.57
C ARG B 139 32.83 4.52 -1.52
N ALA B 140 32.15 4.44 -2.67
CA ALA B 140 30.68 4.21 -2.72
C ALA B 140 30.32 2.72 -2.72
N LEU B 141 31.32 1.85 -2.85
CA LEU B 141 31.11 0.40 -3.02
C LEU B 141 29.96 -0.09 -2.14
N ALA B 142 28.93 -0.63 -2.80
CA ALA B 142 27.83 -1.30 -2.15
C ALA B 142 27.07 -2.08 -3.20
N ALA B 143 26.25 -3.03 -2.76
CA ALA B 143 25.54 -3.90 -3.66
C ALA B 143 24.69 -3.06 -4.64
N ARG B 144 24.23 -1.89 -4.20
CA ARG B 144 23.32 -1.07 -5.02
C ARG B 144 24.07 -0.49 -6.23
N ASN B 145 25.41 -0.47 -6.21
CA ASN B 145 26.12 0.13 -7.36
C ASN B 145 27.10 -0.87 -8.02
N ILE B 146 27.19 -2.11 -7.52
CA ILE B 146 27.80 -3.21 -8.28
C ILE B 146 26.79 -3.70 -9.34
N LEU B 147 27.29 -4.01 -10.54
CA LEU B 147 26.44 -4.38 -11.66
C LEU B 147 26.62 -5.86 -11.97
N VAL B 148 25.62 -6.44 -12.60
CA VAL B 148 25.62 -7.83 -12.95
C VAL B 148 25.67 -7.95 -14.47
N GLU B 149 26.79 -8.40 -15.00
CA GLU B 149 26.91 -8.62 -16.42
C GLU B 149 26.12 -9.87 -16.84
N SER B 150 26.23 -10.90 -16.00
CA SER B 150 25.60 -12.14 -16.16
C SER B 150 25.46 -12.81 -14.79
N GLU B 151 24.73 -13.93 -14.77
CA GLU B 151 24.53 -14.69 -13.54
C GLU B 151 25.87 -15.18 -12.98
N ALA B 152 26.92 -15.17 -13.82
CA ALA B 152 28.22 -15.71 -13.46
C ALA B 152 29.29 -14.59 -13.32
N HIS B 153 28.90 -13.32 -13.34
CA HIS B 153 29.88 -12.24 -13.55
C HIS B 153 29.34 -10.86 -13.09
N VAL B 154 29.93 -10.31 -12.04
CA VAL B 154 29.62 -8.94 -11.60
C VAL B 154 30.82 -8.02 -11.88
N LYS B 155 30.56 -6.72 -11.89
CA LYS B 155 31.57 -5.71 -12.06
C LYS B 155 31.26 -4.51 -11.15
N ILE B 156 32.32 -3.84 -10.72
CA ILE B 156 32.21 -2.62 -9.97
C ILE B 156 31.87 -1.49 -10.93
N ALA B 157 31.00 -0.60 -10.44
CA ALA B 157 30.58 0.57 -11.17
C ALA B 157 30.37 1.74 -10.20
N ASP B 158 29.80 2.81 -10.75
CA ASP B 158 29.51 4.08 -10.09
C ASP B 158 30.77 4.65 -9.47
N PHE B 159 31.54 5.35 -10.30
CA PHE B 159 32.78 6.02 -9.88
C PHE B 159 32.51 7.50 -9.57
N GLY B 160 31.27 7.84 -9.21
CA GLY B 160 30.85 9.22 -8.96
C GLY B 160 31.56 9.86 -7.77
N LEU B 161 32.02 9.04 -6.81
CA LEU B 161 32.72 9.50 -5.63
C LEU B 161 34.17 9.01 -5.63
N ALA B 162 34.58 8.30 -6.67
CA ALA B 162 35.90 7.76 -6.75
C ALA B 162 36.92 8.91 -6.75
N LYS B 163 38.08 8.67 -6.14
CA LYS B 163 39.15 9.63 -6.16
C LYS B 163 40.50 8.89 -6.14
N LEU B 164 41.46 9.41 -6.92
CA LEU B 164 42.84 8.94 -6.86
C LEU B 164 43.50 9.44 -5.56
N LEU B 165 44.28 8.59 -4.91
CA LEU B 165 45.04 8.96 -3.74
C LEU B 165 46.01 10.07 -4.10
N PRO B 166 46.30 11.02 -3.19
CA PRO B 166 47.45 11.89 -3.33
C PRO B 166 48.68 11.03 -3.65
N LEU B 167 49.62 11.57 -4.41
CA LEU B 167 50.81 10.83 -4.82
C LEU B 167 51.77 10.61 -3.62
N ASP B 168 51.55 11.33 -2.51
CA ASP B 168 52.45 11.33 -1.33
C ASP B 168 51.72 10.87 -0.05
N LYS B 169 50.55 10.23 -0.20
CA LYS B 169 49.75 9.76 0.93
C LYS B 169 48.93 8.51 0.55
N ASP B 170 48.48 7.77 1.58
CA ASP B 170 47.70 6.58 1.39
C ASP B 170 46.25 6.81 1.80
N TYR B 171 45.89 8.07 2.05
CA TYR B 171 44.54 8.42 2.33
C TYR B 171 44.28 9.84 1.84
N TYR B 172 43.02 10.28 1.91
CA TYR B 172 42.67 11.67 1.67
C TYR B 172 41.56 12.10 2.62
N VAL B 173 41.43 13.42 2.79
CA VAL B 173 40.36 14.02 3.56
C VAL B 173 39.43 14.78 2.61
N VAL B 174 38.11 14.64 2.78
CA VAL B 174 37.13 15.47 2.05
C VAL B 174 36.56 16.51 3.02
N ARG B 175 36.31 17.73 2.50
CA ARG B 175 35.77 18.89 3.25
C ARG B 175 34.28 18.69 3.58
N GLU B 176 33.47 18.26 2.59
CA GLU B 176 31.99 18.20 2.73
C GLU B 176 31.48 16.84 2.25
N PRO B 177 31.06 15.91 3.15
CA PRO B 177 30.65 14.56 2.75
C PRO B 177 29.27 14.42 2.07
N GLY B 178 28.50 15.51 2.01
CA GLY B 178 27.15 15.49 1.44
C GLY B 178 26.18 14.68 2.29
N GLN B 179 25.17 14.08 1.64
CA GLN B 179 24.17 13.27 2.33
C GLN B 179 24.19 11.86 1.72
N SER B 180 25.39 11.27 1.59
CA SER B 180 25.54 9.84 1.21
C SER B 180 25.19 8.95 2.40
N PRO B 181 24.79 7.68 2.18
CA PRO B 181 24.43 6.77 3.27
C PRO B 181 25.68 6.33 4.03
N ILE B 182 25.61 6.31 5.37
CA ILE B 182 26.79 6.27 6.25
C ILE B 182 27.16 4.83 6.65
N PHE B 183 26.30 3.85 6.34
CA PHE B 183 26.34 2.50 6.93
C PHE B 183 27.36 1.59 6.24
N TRP B 184 28.04 2.09 5.19
CA TRP B 184 29.13 1.34 4.50
C TRP B 184 30.51 1.92 4.87
N TYR B 185 30.53 3.00 5.65
CA TYR B 185 31.72 3.79 5.83
C TYR B 185 32.48 3.33 7.08
N ALA B 186 33.81 3.31 6.97
CA ALA B 186 34.72 2.99 8.07
C ALA B 186 34.68 4.09 9.12
N PRO B 187 34.97 3.77 10.40
CA PRO B 187 35.00 4.76 11.47
C PRO B 187 35.81 6.02 11.16
N GLU B 188 36.98 5.86 10.54
CA GLU B 188 37.87 7.00 10.22
C GLU B 188 37.23 7.91 9.17
N SER B 189 36.34 7.36 8.35
CA SER B 189 35.54 8.13 7.40
C SER B 189 34.47 8.91 8.17
N LEU B 190 33.80 8.22 9.09
CA LEU B 190 32.73 8.83 9.85
C LEU B 190 33.31 9.95 10.75
N SER B 191 34.43 9.67 11.44
CA SER B 191 34.96 10.58 12.47
C SER B 191 35.75 11.74 11.85
N ASP B 192 36.50 11.49 10.77
CA ASP B 192 37.45 12.49 10.25
C ASP B 192 37.37 12.65 8.73
N ASN B 193 36.34 12.06 8.11
CA ASN B 193 36.18 12.10 6.66
C ASN B 193 37.48 11.66 5.95
N ILE B 194 38.12 10.61 6.49
CA ILE B 194 39.28 10.00 5.87
C ILE B 194 38.79 8.84 4.98
N PHE B 195 39.39 8.70 3.81
CA PHE B 195 39.08 7.61 2.91
C PHE B 195 40.39 7.06 2.34
N SER B 196 40.40 5.75 2.14
CA SER B 196 41.57 5.06 1.73
C SER B 196 41.17 3.71 1.13
N ARG B 197 42.17 2.99 0.61
CA ARG B 197 42.00 1.64 0.15
C ARG B 197 41.55 0.77 1.33
N GLN B 198 41.93 1.18 2.55
CA GLN B 198 41.66 0.43 3.75
C GLN B 198 40.22 0.72 4.22
N SER B 199 39.71 1.93 3.96
CA SER B 199 38.26 2.19 4.18
C SER B 199 37.44 1.40 3.14
N ASP B 200 37.97 1.25 1.93
CA ASP B 200 37.29 0.45 0.89
C ASP B 200 37.11 -0.99 1.38
N VAL B 201 38.12 -1.53 2.08
CA VAL B 201 38.08 -2.89 2.59
C VAL B 201 36.96 -3.01 3.63
N TRP B 202 36.82 -2.02 4.50
CA TRP B 202 35.69 -1.97 5.42
C TRP B 202 34.35 -2.08 4.63
N SER B 203 34.20 -1.26 3.60
CA SER B 203 32.98 -1.22 2.82
C SER B 203 32.76 -2.60 2.18
N PHE B 204 33.83 -3.22 1.69
CA PHE B 204 33.75 -4.53 1.09
C PHE B 204 33.18 -5.56 2.08
N GLY B 205 33.59 -5.45 3.35
CA GLY B 205 33.00 -6.24 4.45
C GLY B 205 31.48 -6.11 4.49
N VAL B 206 30.99 -4.88 4.32
CA VAL B 206 29.56 -4.63 4.35
C VAL B 206 28.92 -5.24 3.08
N VAL B 207 29.64 -5.23 1.96
CA VAL B 207 29.13 -5.83 0.71
C VAL B 207 29.02 -7.34 0.89
N LEU B 208 29.97 -7.94 1.62
CA LEU B 208 29.91 -9.37 1.90
C LEU B 208 28.66 -9.66 2.72
N TYR B 209 28.38 -8.78 3.67
CA TYR B 209 27.18 -8.87 4.49
C TYR B 209 25.94 -8.81 3.59
N GLU B 210 25.94 -7.85 2.65
CA GLU B 210 24.84 -7.69 1.71
C GLU B 210 24.65 -8.98 0.91
N LEU B 211 25.73 -9.46 0.27
CA LEU B 211 25.69 -10.68 -0.55
C LEU B 211 25.04 -11.82 0.26
N PHE B 212 25.53 -12.03 1.48
CA PHE B 212 25.21 -13.26 2.21
C PHE B 212 23.88 -13.14 2.98
N THR B 213 23.27 -11.95 2.97
CA THR B 213 21.88 -11.75 3.36
C THR B 213 20.97 -11.60 2.12
N TYR B 214 21.54 -11.82 0.93
CA TYR B 214 20.84 -11.59 -0.33
C TYR B 214 20.13 -10.24 -0.34
N CYS B 215 20.71 -9.25 0.35
CA CYS B 215 20.18 -7.88 0.41
C CYS B 215 18.71 -7.86 0.89
N ASP B 216 18.36 -8.77 1.78
CA ASP B 216 17.09 -8.75 2.44
C ASP B 216 16.93 -7.40 3.14
N LYS B 217 15.75 -6.77 2.98
CA LYS B 217 15.51 -5.38 3.43
C LYS B 217 15.36 -5.32 4.96
N SER B 218 14.94 -6.44 5.56
CA SER B 218 14.61 -6.49 7.00
C SER B 218 15.89 -6.60 7.84
N CYS B 219 17.02 -6.93 7.20
CA CYS B 219 18.30 -6.99 7.89
C CYS B 219 19.40 -6.32 7.04
N SER B 220 19.01 -5.27 6.31
CA SER B 220 19.96 -4.39 5.65
C SER B 220 20.80 -3.65 6.68
N PRO B 221 21.97 -3.11 6.27
CA PRO B 221 22.80 -2.30 7.15
C PRO B 221 22.01 -1.18 7.86
N SER B 222 21.20 -0.45 7.09
CA SER B 222 20.41 0.66 7.65
C SER B 222 19.41 0.14 8.68
N ALA B 223 18.76 -0.99 8.37
CA ALA B 223 17.75 -1.59 9.26
C ALA B 223 18.41 -2.03 10.57
N GLU B 224 19.65 -2.52 10.48
CA GLU B 224 20.33 -3.09 11.63
C GLU B 224 20.87 -1.97 12.54
N PHE B 225 21.17 -0.80 11.98
CA PHE B 225 21.53 0.37 12.78
C PHE B 225 20.33 0.84 13.60
N LEU B 226 19.16 0.97 12.96
CA LEU B 226 17.95 1.48 13.61
C LEU B 226 17.59 0.60 14.81
N ARG B 227 17.70 -0.72 14.66
CA ARG B 227 17.52 -1.68 15.76
C ARG B 227 18.55 -1.40 16.88
N MET B 228 19.75 -0.98 16.50
CA MET B 228 20.92 -0.81 17.37
C MET B 228 21.08 0.64 17.85
N MET B 229 20.03 1.45 17.81
CA MET B 229 20.06 2.80 18.46
C MET B 229 18.64 3.18 18.85
N ALA B 237 22.92 10.92 14.52
CA ALA B 237 22.92 9.67 13.75
C ALA B 237 24.37 9.24 13.45
N LEU B 238 25.10 10.11 12.75
CA LEU B 238 26.52 9.91 12.41
C LEU B 238 27.34 9.66 13.69
N SER B 239 27.15 10.51 14.71
CA SER B 239 27.87 10.41 15.99
C SER B 239 27.54 9.10 16.70
N ARG B 240 26.29 8.65 16.55
CA ARG B 240 25.77 7.49 17.28
C ARG B 240 26.35 6.19 16.68
N LEU B 241 26.37 6.10 15.34
CA LEU B 241 26.92 4.93 14.63
C LEU B 241 28.40 4.78 14.98
N LEU B 242 29.12 5.89 14.89
CA LEU B 242 30.54 5.97 15.18
C LEU B 242 30.81 5.43 16.60
N GLU B 243 29.90 5.70 17.55
CA GLU B 243 30.06 5.27 18.95
C GLU B 243 29.87 3.75 19.07
N LEU B 244 28.84 3.21 18.39
CA LEU B 244 28.63 1.76 18.28
C LEU B 244 29.90 1.07 17.82
N LEU B 245 30.49 1.60 16.75
CA LEU B 245 31.59 0.94 16.07
C LEU B 245 32.83 0.97 16.99
N GLU B 246 33.02 2.08 17.69
CA GLU B 246 34.16 2.23 18.61
C GLU B 246 33.99 1.31 19.81
N GLU B 247 32.74 1.02 20.19
CA GLU B 247 32.42 0.04 21.26
C GLU B 247 32.65 -1.40 20.80
N GLY B 248 32.75 -1.61 19.47
CA GLY B 248 33.03 -2.93 18.89
C GLY B 248 31.79 -3.65 18.38
N GLN B 249 30.64 -2.95 18.37
CA GLN B 249 29.40 -3.49 17.79
C GLN B 249 29.55 -3.54 16.26
N ARG B 250 29.06 -4.64 15.67
CA ARG B 250 29.11 -4.88 14.25
C ARG B 250 27.77 -5.48 13.80
N LEU B 251 27.54 -5.47 12.48
CA LEU B 251 26.47 -6.21 11.89
C LEU B 251 26.56 -7.67 12.34
N PRO B 252 25.41 -8.35 12.57
CA PRO B 252 25.42 -9.75 12.99
C PRO B 252 25.71 -10.71 11.82
N ALA B 253 26.21 -11.90 12.15
CA ALA B 253 26.42 -12.97 11.17
C ALA B 253 25.10 -13.22 10.43
N PRO B 254 25.09 -13.11 9.08
CA PRO B 254 23.91 -13.49 8.30
C PRO B 254 23.48 -14.93 8.58
N PRO B 255 22.15 -15.18 8.55
CA PRO B 255 21.58 -16.49 8.86
C PRO B 255 22.37 -17.72 8.39
N ALA B 256 22.59 -17.89 7.09
CA ALA B 256 23.21 -19.14 6.62
C ALA B 256 24.69 -18.94 6.24
N CYS B 257 25.34 -17.91 6.81
CA CYS B 257 26.68 -17.48 6.37
C CYS B 257 27.70 -18.56 6.74
N PRO B 258 28.54 -19.04 5.80
CA PRO B 258 29.67 -19.89 6.16
C PRO B 258 30.55 -19.17 7.20
N ALA B 259 30.95 -19.90 8.24
CA ALA B 259 31.74 -19.36 9.36
C ALA B 259 32.94 -18.55 8.83
N GLU B 260 33.65 -19.09 7.84
CA GLU B 260 34.90 -18.49 7.33
C GLU B 260 34.61 -17.13 6.67
N VAL B 261 33.44 -16.98 6.04
CA VAL B 261 33.08 -15.73 5.40
C VAL B 261 32.81 -14.68 6.48
N HIS B 262 32.08 -15.07 7.53
CA HIS B 262 31.76 -14.16 8.65
C HIS B 262 33.07 -13.67 9.29
N GLU B 263 34.04 -14.57 9.45
CA GLU B 263 35.34 -14.20 10.01
C GLU B 263 36.02 -13.17 9.11
N LEU B 264 35.95 -13.35 7.80
CA LEU B 264 36.57 -12.41 6.87
C LEU B 264 35.92 -11.03 7.01
N MET B 265 34.59 -10.98 7.18
CA MET B 265 33.88 -9.72 7.42
C MET B 265 34.46 -9.04 8.67
N LYS B 266 34.59 -9.81 9.75
CA LYS B 266 35.00 -9.23 11.02
C LYS B 266 36.41 -8.64 10.88
N LEU B 267 37.26 -9.27 10.05
CA LEU B 267 38.62 -8.76 9.80
C LEU B 267 38.55 -7.47 8.97
N CYS B 268 37.66 -7.45 7.97
CA CYS B 268 37.45 -6.28 7.16
C CYS B 268 37.03 -5.10 8.04
N TRP B 269 36.35 -5.39 9.16
CA TRP B 269 35.83 -4.36 10.05
C TRP B 269 36.74 -4.15 11.27
N ALA B 270 38.05 -4.40 11.14
CA ALA B 270 38.98 -4.06 12.22
C ALA B 270 38.89 -2.55 12.47
N PRO B 271 38.91 -2.10 13.75
CA PRO B 271 38.90 -0.68 14.09
C PRO B 271 40.01 0.10 13.36
N SER B 272 41.21 -0.47 13.38
CA SER B 272 42.38 0.17 12.88
C SER B 272 42.61 -0.22 11.43
N PRO B 273 42.65 0.76 10.49
CA PRO B 273 42.84 0.49 9.07
C PRO B 273 44.00 -0.47 8.73
N GLN B 274 45.10 -0.38 9.50
CA GLN B 274 46.33 -1.14 9.21
C GLN B 274 46.12 -2.63 9.52
N ASP B 275 45.11 -2.95 10.35
CA ASP B 275 44.83 -4.33 10.79
C ASP B 275 43.82 -5.02 9.87
N ARG B 276 43.24 -4.28 8.92
CA ARG B 276 42.35 -4.86 7.95
C ARG B 276 43.18 -5.61 6.93
N PRO B 277 42.67 -6.71 6.37
CA PRO B 277 43.36 -7.42 5.31
C PRO B 277 43.34 -6.54 4.06
N SER B 278 44.34 -6.73 3.22
CA SER B 278 44.35 -6.17 1.92
C SER B 278 43.43 -7.00 1.00
N PHE B 279 43.01 -6.38 -0.09
CA PHE B 279 42.26 -7.07 -1.12
C PHE B 279 43.11 -8.22 -1.67
N SER B 280 44.44 -8.04 -1.73
CA SER B 280 45.33 -9.05 -2.24
C SER B 280 45.33 -10.31 -1.36
N ALA B 281 45.07 -10.12 -0.06
CA ALA B 281 45.05 -11.22 0.88
C ALA B 281 43.68 -11.89 0.90
N LEU B 282 42.64 -11.09 0.70
CA LEU B 282 41.26 -11.55 0.68
C LEU B 282 41.03 -12.44 -0.55
N GLY B 283 41.58 -12.03 -1.69
CA GLY B 283 41.33 -12.65 -2.97
C GLY B 283 41.50 -14.16 -2.88
N PRO B 284 42.73 -14.68 -2.58
CA PRO B 284 42.96 -16.11 -2.48
C PRO B 284 42.06 -16.80 -1.46
N GLN B 285 41.73 -16.12 -0.36
CA GLN B 285 40.93 -16.74 0.67
C GLN B 285 39.51 -16.98 0.16
N LEU B 286 38.94 -16.01 -0.55
CA LEU B 286 37.63 -16.17 -1.15
C LEU B 286 37.67 -17.22 -2.25
N ASP B 287 38.72 -17.23 -3.07
CA ASP B 287 38.83 -18.21 -4.16
C ASP B 287 38.89 -19.64 -3.61
N MET B 288 39.51 -19.84 -2.44
CA MET B 288 39.72 -21.18 -1.93
C MET B 288 38.48 -21.64 -1.14
N LEU B 289 37.71 -20.70 -0.61
CA LEU B 289 36.40 -21.03 -0.06
C LEU B 289 35.45 -21.49 -1.18
N TRP B 290 35.55 -20.86 -2.36
CA TRP B 290 34.77 -21.23 -3.54
C TRP B 290 35.13 -22.66 -3.99
N SER B 291 36.42 -22.93 -4.19
CA SER B 291 36.90 -24.26 -4.60
C SER B 291 36.34 -25.33 -3.65
N GLY B 292 36.36 -25.02 -2.35
CA GLY B 292 36.02 -25.96 -1.30
C GLY B 292 34.53 -26.05 -1.03
N SER B 293 33.71 -25.27 -1.73
CA SER B 293 32.26 -25.30 -1.56
C SER B 293 31.59 -26.09 -2.71
N ARG B 294 32.33 -26.43 -3.77
CA ARG B 294 31.77 -27.05 -5.02
C ARG B 294 31.25 -28.48 -4.74
N SER C 1 -16.62 2.92 -8.29
CA SER C 1 -15.22 3.46 -8.08
C SER C 1 -14.23 2.30 -7.93
N MET C 2 -12.92 2.62 -7.86
CA MET C 2 -11.87 1.61 -7.71
C MET C 2 -12.03 0.79 -6.42
N GLN C 3 -12.41 1.46 -5.33
CA GLN C 3 -12.45 0.83 -4.01
C GLN C 3 -13.81 0.11 -3.84
N ASP C 4 -14.89 0.67 -4.41
CA ASP C 4 -16.24 0.02 -4.45
C ASP C 4 -16.68 -0.17 -5.91
N PRO C 5 -16.11 -1.15 -6.64
CA PRO C 5 -16.37 -1.29 -8.08
C PRO C 5 -17.62 -2.11 -8.43
N THR C 6 -18.29 -2.70 -7.42
CA THR C 6 -19.60 -3.35 -7.66
C THR C 6 -20.68 -2.26 -7.56
N ILE C 7 -21.48 -2.10 -8.64
CA ILE C 7 -22.45 -0.97 -8.75
C ILE C 7 -23.86 -1.48 -8.46
N PHE C 8 -24.45 -1.00 -7.35
CA PHE C 8 -25.80 -1.29 -7.02
C PHE C 8 -26.65 -0.09 -7.40
N GLU C 9 -27.22 -0.18 -8.59
CA GLU C 9 -28.03 0.90 -9.15
C GLU C 9 -29.40 0.88 -8.47
N GLU C 10 -29.82 2.01 -7.91
CA GLU C 10 -31.14 2.16 -7.34
C GLU C 10 -32.23 1.52 -8.23
N ARG C 11 -32.15 1.79 -9.54
CA ARG C 11 -33.23 1.45 -10.45
C ARG C 11 -33.36 -0.08 -10.58
N HIS C 12 -32.27 -0.80 -10.30
CA HIS C 12 -32.22 -2.26 -10.43
C HIS C 12 -32.51 -2.97 -9.09
N LEU C 13 -32.55 -2.21 -7.98
CA LEU C 13 -32.97 -2.76 -6.68
C LEU C 13 -34.50 -2.73 -6.60
N LYS C 14 -35.15 -3.88 -6.79
CA LYS C 14 -36.62 -3.95 -6.82
C LYS C 14 -37.10 -4.18 -5.40
N TYR C 15 -37.84 -3.20 -4.84
CA TYR C 15 -38.43 -3.33 -3.52
C TYR C 15 -39.39 -4.52 -3.49
N ILE C 16 -39.27 -5.34 -2.45
CA ILE C 16 -40.15 -6.46 -2.22
C ILE C 16 -40.95 -6.24 -0.93
N SER C 17 -40.28 -6.14 0.20
CA SER C 17 -41.03 -5.86 1.45
C SER C 17 -40.05 -5.44 2.54
N GLN C 18 -40.58 -5.02 3.69
CA GLN C 18 -39.80 -4.60 4.81
C GLN C 18 -39.48 -5.81 5.68
N LEU C 19 -38.21 -5.90 6.11
CA LEU C 19 -37.74 -6.95 7.01
C LEU C 19 -37.75 -6.44 8.46
N GLY C 20 -37.41 -5.17 8.66
CA GLY C 20 -37.30 -4.60 10.01
C GLY C 20 -37.13 -3.10 9.97
N LYS C 21 -37.50 -2.44 11.08
CA LYS C 21 -37.52 -0.98 11.15
C LYS C 21 -37.11 -0.58 12.57
N GLY C 22 -36.07 0.25 12.69
CA GLY C 22 -35.74 0.98 13.93
C GLY C 22 -36.41 2.34 13.96
N ASN C 23 -35.84 3.27 14.73
CA ASN C 23 -36.38 4.66 14.80
C ASN C 23 -35.61 5.59 13.85
N PHE C 24 -34.38 5.17 13.48
CA PHE C 24 -33.48 5.96 12.63
C PHE C 24 -33.13 5.18 11.36
N GLY C 25 -33.53 3.90 11.25
CA GLY C 25 -33.22 3.07 10.06
C GLY C 25 -34.13 1.85 9.89
N SER C 26 -34.03 1.23 8.70
CA SER C 26 -34.81 0.08 8.30
C SER C 26 -33.99 -0.86 7.41
N VAL C 27 -34.45 -2.11 7.31
CA VAL C 27 -33.95 -3.09 6.37
C VAL C 27 -35.10 -3.55 5.48
N GLU C 28 -34.84 -3.63 4.17
CA GLU C 28 -35.81 -3.99 3.18
C GLU C 28 -35.29 -5.20 2.41
N LEU C 29 -36.17 -6.16 2.15
CA LEU C 29 -35.91 -7.16 1.15
C LEU C 29 -36.11 -6.57 -0.24
N CYS C 30 -35.11 -6.77 -1.11
CA CYS C 30 -35.14 -6.35 -2.51
C CYS C 30 -34.60 -7.49 -3.38
N ARG C 31 -34.85 -7.41 -4.69
CA ARG C 31 -34.20 -8.22 -5.69
C ARG C 31 -33.28 -7.31 -6.50
N TYR C 32 -31.98 -7.63 -6.53
CA TYR C 32 -31.07 -6.95 -7.44
C TYR C 32 -31.20 -7.61 -8.81
N ASP C 33 -31.96 -6.97 -9.70
CA ASP C 33 -32.41 -7.53 -10.96
C ASP C 33 -31.95 -6.67 -12.15
N PRO C 34 -30.63 -6.59 -12.42
CA PRO C 34 -30.14 -5.80 -13.54
C PRO C 34 -30.60 -6.30 -14.92
N LEU C 35 -30.84 -7.61 -15.05
CA LEU C 35 -31.32 -8.19 -16.34
C LEU C 35 -32.82 -7.95 -16.50
N GLY C 36 -33.54 -7.69 -15.42
CA GLY C 36 -34.95 -7.26 -15.46
C GLY C 36 -35.93 -8.40 -15.67
N ASP C 37 -35.47 -9.64 -15.45
CA ASP C 37 -36.25 -10.87 -15.75
C ASP C 37 -36.58 -11.64 -14.45
N ASN C 38 -36.37 -11.00 -13.30
CA ASN C 38 -36.63 -11.57 -11.95
C ASN C 38 -35.86 -12.87 -11.71
N THR C 39 -34.67 -13.00 -12.31
CA THR C 39 -33.73 -14.11 -12.00
C THR C 39 -32.65 -13.62 -11.01
N GLY C 40 -32.56 -12.31 -10.80
CA GLY C 40 -31.59 -11.70 -9.90
C GLY C 40 -31.73 -12.26 -8.49
N ALA C 41 -30.71 -11.99 -7.68
CA ALA C 41 -30.66 -12.50 -6.32
C ALA C 41 -31.41 -11.56 -5.35
N LEU C 42 -32.00 -12.14 -4.31
CA LEU C 42 -32.47 -11.39 -3.17
C LEU C 42 -31.29 -10.80 -2.39
N VAL C 43 -31.43 -9.54 -1.96
CA VAL C 43 -30.50 -8.88 -1.09
C VAL C 43 -31.30 -8.16 0.00
N ALA C 44 -30.66 -7.93 1.15
CA ALA C 44 -31.21 -7.12 2.21
C ALA C 44 -30.53 -5.76 2.15
N VAL C 45 -31.32 -4.69 2.26
CA VAL C 45 -30.83 -3.36 2.07
C VAL C 45 -31.21 -2.50 3.28
N LYS C 46 -30.20 -1.94 3.94
CA LYS C 46 -30.38 -1.09 5.10
C LYS C 46 -30.21 0.38 4.68
N GLN C 47 -31.10 1.23 5.21
CA GLN C 47 -31.02 2.66 5.00
C GLN C 47 -31.50 3.37 6.26
N LEU C 48 -31.09 4.63 6.42
CA LEU C 48 -31.60 5.51 7.47
C LEU C 48 -32.84 6.29 7.00
N GLN C 49 -33.74 6.56 7.94
CA GLN C 49 -34.80 7.58 7.79
C GLN C 49 -34.70 8.52 9.00
N HIS C 50 -35.10 9.78 8.81
CA HIS C 50 -35.13 10.80 9.88
C HIS C 50 -33.78 10.85 10.61
N SER C 51 -32.68 10.77 9.83
CA SER C 51 -31.35 10.65 10.40
C SER C 51 -30.69 12.03 10.46
N GLY C 52 -30.16 12.36 11.63
CA GLY C 52 -29.26 13.49 11.78
C GLY C 52 -27.86 13.17 11.25
N PRO C 53 -26.96 14.19 11.16
CA PRO C 53 -25.55 13.98 10.80
C PRO C 53 -24.81 12.93 11.64
N ASP C 54 -25.10 12.91 12.95
CA ASP C 54 -24.50 11.94 13.89
C ASP C 54 -24.80 10.51 13.43
N GLN C 55 -26.05 10.25 13.06
CA GLN C 55 -26.48 8.92 12.68
C GLN C 55 -25.87 8.55 11.33
N GLN C 56 -25.79 9.51 10.43
CA GLN C 56 -25.19 9.30 9.11
C GLN C 56 -23.73 8.87 9.26
N ARG C 57 -22.98 9.51 10.18
CA ARG C 57 -21.57 9.16 10.41
CA ARG C 57 -21.57 9.17 10.41
C ARG C 57 -21.47 7.75 11.00
N ASP C 58 -22.34 7.44 11.97
CA ASP C 58 -22.34 6.13 12.60
C ASP C 58 -22.51 5.06 11.51
N PHE C 59 -23.41 5.34 10.56
CA PHE C 59 -23.78 4.41 9.53
C PHE C 59 -22.62 4.21 8.56
N GLN C 60 -21.90 5.29 8.24
CA GLN C 60 -20.69 5.21 7.41
C GLN C 60 -19.66 4.27 8.08
N ARG C 61 -19.54 4.33 9.42
CA ARG C 61 -18.58 3.49 10.14
C ARG C 61 -19.03 2.04 10.10
N GLU C 62 -20.33 1.84 10.38
CA GLU C 62 -20.96 0.53 10.36
C GLU C 62 -20.69 -0.17 9.02
N ILE C 63 -20.88 0.56 7.93
CA ILE C 63 -20.67 0.02 6.62
C ILE C 63 -19.20 -0.40 6.48
N GLN C 64 -18.26 0.43 6.94
CA GLN C 64 -16.83 0.10 6.77
C GLN C 64 -16.48 -1.11 7.64
N ILE C 65 -17.12 -1.23 8.81
CA ILE C 65 -16.80 -2.35 9.69
C ILE C 65 -17.27 -3.63 9.03
N LEU C 66 -18.54 -3.67 8.62
CA LEU C 66 -19.13 -4.88 8.08
C LEU C 66 -18.36 -5.31 6.83
N LYS C 67 -18.00 -4.34 6.00
CA LYS C 67 -17.29 -4.58 4.78
C LYS C 67 -15.93 -5.24 5.07
N ALA C 68 -15.33 -4.94 6.22
CA ALA C 68 -13.97 -5.40 6.49
C ALA C 68 -13.99 -6.80 7.15
N LEU C 69 -15.18 -7.28 7.54
CA LEU C 69 -15.30 -8.57 8.22
C LEU C 69 -15.50 -9.68 7.17
N HIS C 70 -14.74 -10.76 7.28
CA HIS C 70 -14.80 -11.90 6.37
C HIS C 70 -14.91 -13.19 7.18
N SER C 71 -16.13 -13.57 7.52
CA SER C 71 -16.39 -14.76 8.26
C SER C 71 -17.67 -15.41 7.74
N ASP C 72 -17.69 -16.74 7.72
CA ASP C 72 -18.85 -17.53 7.43
C ASP C 72 -19.98 -17.29 8.43
N PHE C 73 -19.65 -16.68 9.58
CA PHE C 73 -20.57 -16.59 10.70
C PHE C 73 -20.96 -15.13 10.95
N ILE C 74 -20.67 -14.28 9.97
CA ILE C 74 -21.08 -12.88 10.03
C ILE C 74 -21.76 -12.50 8.72
N VAL C 75 -22.91 -11.82 8.81
CA VAL C 75 -23.70 -11.48 7.65
C VAL C 75 -22.81 -10.74 6.66
N LYS C 76 -22.92 -11.12 5.39
CA LYS C 76 -22.01 -10.71 4.37
C LYS C 76 -22.41 -9.37 3.77
N TYR C 77 -21.45 -8.45 3.73
CA TYR C 77 -21.53 -7.22 2.99
C TYR C 77 -21.46 -7.52 1.49
N ARG C 78 -22.31 -6.89 0.67
CA ARG C 78 -22.25 -7.01 -0.80
C ARG C 78 -21.85 -5.66 -1.42
N GLY C 79 -22.36 -4.55 -0.88
CA GLY C 79 -22.04 -3.24 -1.46
C GLY C 79 -22.88 -2.12 -0.89
N VAL C 80 -22.86 -0.97 -1.59
CA VAL C 80 -23.67 0.19 -1.25
C VAL C 80 -24.43 0.68 -2.49
N SER C 81 -25.51 1.42 -2.24
CA SER C 81 -26.30 2.09 -3.29
C SER C 81 -26.46 3.56 -2.89
N TYR C 82 -26.28 4.48 -3.86
CA TYR C 82 -26.19 5.96 -3.65
C TYR C 82 -27.43 6.68 -4.19
N SER C 88 -29.78 9.26 0.78
CA SER C 88 -28.71 8.85 -0.12
C SER C 88 -28.30 7.37 0.17
N LEU C 89 -27.34 7.17 1.08
CA LEU C 89 -26.52 5.93 1.18
C LEU C 89 -27.36 4.74 1.67
N ARG C 90 -27.23 3.61 0.96
CA ARG C 90 -27.90 2.35 1.32
C ARG C 90 -26.85 1.22 1.37
N LEU C 91 -26.96 0.36 2.40
CA LEU C 91 -26.07 -0.81 2.59
C LEU C 91 -26.74 -2.09 2.05
N VAL C 92 -26.07 -2.75 1.11
CA VAL C 92 -26.58 -3.97 0.48
C VAL C 92 -25.85 -5.17 1.09
N MET C 93 -26.63 -6.11 1.63
CA MET C 93 -26.13 -7.34 2.25
C MET C 93 -26.81 -8.53 1.56
N GLU C 94 -26.22 -9.70 1.73
CA GLU C 94 -26.89 -10.94 1.39
C GLU C 94 -28.20 -11.04 2.20
N TYR C 95 -29.18 -11.71 1.62
CA TYR C 95 -30.43 -11.97 2.31
C TYR C 95 -30.33 -13.34 2.95
N LEU C 96 -30.58 -13.41 4.26
CA LEU C 96 -30.65 -14.65 4.98
C LEU C 96 -32.12 -14.99 5.19
N PRO C 97 -32.64 -16.01 4.49
CA PRO C 97 -34.09 -16.13 4.27
C PRO C 97 -34.89 -16.61 5.48
N SER C 98 -34.24 -17.21 6.47
CA SER C 98 -34.96 -17.81 7.58
C SER C 98 -35.07 -16.83 8.75
N GLY C 99 -34.62 -15.62 8.57
CA GLY C 99 -34.92 -14.49 9.50
C GLY C 99 -34.11 -14.53 10.76
N CYS C 100 -34.61 -13.91 11.81
CA CYS C 100 -33.89 -13.83 13.06
C CYS C 100 -34.04 -15.12 13.85
N LEU C 101 -33.03 -15.43 14.65
CA LEU C 101 -32.93 -16.68 15.37
C LEU C 101 -34.02 -16.76 16.44
N ARG C 102 -34.31 -15.63 17.10
CA ARG C 102 -35.33 -15.62 18.15
C ARG C 102 -36.64 -16.23 17.61
N ASP C 103 -37.14 -15.72 16.50
CA ASP C 103 -38.42 -16.15 15.92
C ASP C 103 -38.30 -17.57 15.40
N PHE C 104 -37.14 -17.91 14.82
CA PHE C 104 -36.88 -19.23 14.24
C PHE C 104 -36.96 -20.31 15.32
N LEU C 105 -36.37 -20.04 16.47
CA LEU C 105 -36.37 -20.99 17.56
C LEU C 105 -37.80 -21.23 18.03
N GLN C 106 -38.57 -20.13 18.17
CA GLN C 106 -39.98 -20.22 18.58
C GLN C 106 -40.78 -21.07 17.58
N ARG C 107 -40.57 -20.81 16.29
CA ARG C 107 -41.37 -21.36 15.20
C ARG C 107 -41.03 -22.85 14.99
N HIS C 108 -39.74 -23.23 15.04
CA HIS C 108 -39.33 -24.61 14.65
C HIS C 108 -38.88 -25.45 15.86
N ARG C 109 -39.20 -25.01 17.08
CA ARG C 109 -38.79 -25.65 18.32
C ARG C 109 -38.81 -27.19 18.19
N ALA C 110 -39.91 -27.72 17.71
CA ALA C 110 -40.16 -29.17 17.77
C ALA C 110 -39.15 -29.94 16.91
N ARG C 111 -38.57 -29.27 15.91
CA ARG C 111 -37.67 -29.81 14.90
C ARG C 111 -36.19 -29.67 15.29
N LEU C 112 -35.88 -28.98 16.40
CA LEU C 112 -34.49 -28.60 16.75
C LEU C 112 -34.08 -29.24 18.09
N ASP C 113 -33.11 -30.15 18.05
CA ASP C 113 -32.67 -30.90 19.25
C ASP C 113 -31.46 -30.16 19.89
N ALA C 114 -30.99 -30.68 21.03
CA ALA C 114 -29.87 -30.09 21.76
C ALA C 114 -28.63 -29.95 20.86
N SER C 115 -28.37 -30.98 20.04
CA SER C 115 -27.28 -30.95 19.07
C SER C 115 -27.34 -29.67 18.22
N ARG C 116 -28.53 -29.35 17.72
CA ARG C 116 -28.70 -28.25 16.79
C ARG C 116 -28.42 -26.93 17.52
N LEU C 117 -28.92 -26.81 18.75
CA LEU C 117 -28.65 -25.60 19.54
C LEU C 117 -27.14 -25.44 19.76
N LEU C 118 -26.43 -26.57 19.95
CA LEU C 118 -24.98 -26.51 20.18
C LEU C 118 -24.27 -26.06 18.90
N LEU C 119 -24.76 -26.54 17.76
CA LEU C 119 -24.24 -26.13 16.47
C LEU C 119 -24.34 -24.60 16.34
N TYR C 120 -25.50 -24.05 16.68
CA TYR C 120 -25.74 -22.61 16.60
C TYR C 120 -24.81 -21.88 17.58
N SER C 121 -24.70 -22.41 18.81
CA SER C 121 -23.81 -21.89 19.84
C SER C 121 -22.39 -21.78 19.29
N SER C 122 -21.94 -22.86 18.66
CA SER C 122 -20.59 -22.96 18.13
C SER C 122 -20.37 -21.90 17.03
N GLN C 123 -21.36 -21.75 16.15
CA GLN C 123 -21.25 -20.85 15.02
C GLN C 123 -21.19 -19.39 15.50
N ILE C 124 -22.04 -19.05 16.46
CA ILE C 124 -22.11 -17.73 17.03
C ILE C 124 -20.78 -17.41 17.72
N CYS C 125 -20.28 -18.38 18.50
CA CYS C 125 -19.01 -18.26 19.19
C CYS C 125 -17.88 -17.98 18.19
N LYS C 126 -17.78 -18.76 17.11
CA LYS C 126 -16.74 -18.56 16.10
C LYS C 126 -16.87 -17.16 15.53
N GLY C 127 -18.10 -16.75 15.25
CA GLY C 127 -18.38 -15.42 14.78
C GLY C 127 -17.84 -14.36 15.72
N MET C 128 -18.13 -14.51 17.01
CA MET C 128 -17.67 -13.57 18.01
C MET C 128 -16.15 -13.65 18.16
N GLU C 129 -15.57 -14.86 18.04
CA GLU C 129 -14.15 -15.01 18.11
C GLU C 129 -13.50 -14.16 17.01
N TYR C 130 -14.05 -14.24 15.81
CA TYR C 130 -13.48 -13.54 14.68
C TYR C 130 -13.59 -12.02 14.90
N LEU C 131 -14.74 -11.56 15.38
CA LEU C 131 -14.94 -10.13 15.72
C LEU C 131 -13.86 -9.63 16.67
N GLY C 132 -13.69 -10.32 17.79
CA GLY C 132 -12.66 -10.00 18.76
C GLY C 132 -11.29 -9.80 18.12
N SER C 133 -10.98 -10.64 17.12
CA SER C 133 -9.68 -10.62 16.47
C SER C 133 -9.52 -9.36 15.61
N ARG C 134 -10.65 -8.71 15.24
CA ARG C 134 -10.59 -7.40 14.54
C ARG C 134 -10.83 -6.26 15.54
N ARG C 135 -10.78 -6.55 16.84
CA ARG C 135 -10.94 -5.56 17.90
C ARG C 135 -12.28 -4.84 17.74
N CYS C 136 -13.31 -5.59 17.37
CA CYS C 136 -14.67 -5.09 17.27
C CYS C 136 -15.52 -5.62 18.43
N VAL C 137 -16.17 -4.71 19.14
CA VAL C 137 -17.22 -5.04 20.08
C VAL C 137 -18.57 -4.93 19.35
N HIS C 138 -19.41 -5.97 19.45
CA HIS C 138 -20.72 -6.01 18.83
C HIS C 138 -21.77 -5.27 19.69
N ARG C 139 -21.81 -5.64 20.98
CA ARG C 139 -22.63 -4.98 22.00
C ARG C 139 -24.10 -5.44 21.97
N ALA C 140 -24.72 -5.51 20.79
CA ALA C 140 -26.18 -5.75 20.68
C ALA C 140 -26.52 -7.26 20.67
N LEU C 141 -25.50 -8.12 20.58
CA LEU C 141 -25.67 -9.55 20.41
C LEU C 141 -26.85 -10.06 21.25
N ALA C 142 -27.83 -10.65 20.54
CA ALA C 142 -28.97 -11.33 21.13
C ALA C 142 -29.67 -12.12 20.03
N ALA C 143 -30.50 -13.09 20.43
CA ALA C 143 -31.14 -13.98 19.46
C ALA C 143 -31.94 -13.16 18.43
N ARG C 144 -32.46 -12.02 18.85
CA ARG C 144 -33.33 -11.20 18.01
C ARG C 144 -32.52 -10.58 16.86
N ASN C 145 -31.17 -10.53 16.95
CA ASN C 145 -30.41 -9.90 15.85
C ASN C 145 -29.40 -10.88 15.22
N ILE C 146 -29.30 -12.11 15.71
CA ILE C 146 -28.64 -13.20 14.97
C ILE C 146 -29.60 -13.70 13.87
N LEU C 147 -29.04 -14.00 12.68
CA LEU C 147 -29.83 -14.37 11.53
C LEU C 147 -29.60 -15.85 11.21
N VAL C 148 -30.57 -16.45 10.54
CA VAL C 148 -30.53 -17.83 10.19
C VAL C 148 -30.41 -17.93 8.67
N GLU C 149 -29.28 -18.37 8.17
CA GLU C 149 -29.10 -18.58 6.77
C GLU C 149 -29.89 -19.84 6.34
N SER C 150 -29.79 -20.87 7.18
CA SER C 150 -30.39 -22.13 6.99
C SER C 150 -30.56 -22.81 8.35
N GLU C 151 -31.26 -23.94 8.35
CA GLU C 151 -31.48 -24.72 9.55
C GLU C 151 -30.15 -25.17 10.16
N ALA C 152 -29.09 -25.13 9.35
CA ALA C 152 -27.79 -25.66 9.71
C ALA C 152 -26.75 -24.53 9.91
N HIS C 153 -27.16 -23.26 9.91
CA HIS C 153 -26.20 -22.18 9.74
C HIS C 153 -26.78 -20.82 10.19
N VAL C 154 -26.25 -20.26 11.28
CA VAL C 154 -26.59 -18.89 11.71
C VAL C 154 -25.40 -17.97 11.48
N LYS C 155 -25.67 -16.66 11.49
CA LYS C 155 -24.67 -15.62 11.38
C LYS C 155 -25.05 -14.43 12.27
N ILE C 156 -24.02 -13.76 12.78
CA ILE C 156 -24.17 -12.54 13.52
C ILE C 156 -24.48 -11.39 12.55
N ALA C 157 -25.41 -10.54 12.98
CA ALA C 157 -25.82 -9.36 12.23
C ALA C 157 -26.10 -8.19 13.19
N ASP C 158 -26.63 -7.13 12.61
CA ASP C 158 -26.96 -5.85 13.25
C ASP C 158 -25.72 -5.28 13.93
N PHE C 159 -24.92 -4.55 13.14
CA PHE C 159 -23.71 -3.88 13.61
C PHE C 159 -24.00 -2.39 13.91
N GLY C 160 -25.26 -2.08 14.21
CA GLY C 160 -25.70 -0.71 14.44
C GLY C 160 -25.07 -0.08 15.68
N LEU C 161 -24.65 -0.92 16.64
CA LEU C 161 -24.03 -0.46 17.88
C LEU C 161 -22.57 -0.92 17.94
N ALA C 162 -22.10 -1.62 16.93
CA ALA C 162 -20.76 -2.13 16.91
C ALA C 162 -19.77 -0.96 16.95
N LYS C 163 -18.64 -1.17 17.62
CA LYS C 163 -17.60 -0.18 17.68
C LYS C 163 -16.24 -0.88 17.77
N LEU C 164 -15.26 -0.35 17.02
CA LEU C 164 -13.88 -0.79 17.12
C LEU C 164 -13.27 -0.25 18.42
N LEU C 165 -12.48 -1.09 19.10
CA LEU C 165 -11.84 -0.70 20.34
C LEU C 165 -10.86 0.42 20.04
N PRO C 166 -10.67 1.37 20.98
CA PRO C 166 -9.52 2.28 20.90
C PRO C 166 -8.26 1.44 20.69
N LEU C 167 -7.29 2.01 19.99
CA LEU C 167 -6.07 1.27 19.62
C LEU C 167 -5.15 1.08 20.86
N ASP C 168 -5.45 1.78 21.98
CA ASP C 168 -4.59 1.75 23.19
C ASP C 168 -5.39 1.24 24.42
N LYS C 169 -6.56 0.63 24.20
CA LYS C 169 -7.46 0.17 25.28
C LYS C 169 -8.25 -1.08 24.84
N ASP C 170 -8.75 -1.83 25.83
CA ASP C 170 -9.50 -3.03 25.60
C ASP C 170 -10.97 -2.81 25.93
N TYR C 171 -11.36 -1.56 26.17
CA TYR C 171 -12.73 -1.22 26.44
C TYR C 171 -12.99 0.20 25.93
N TYR C 172 -14.25 0.62 25.99
CA TYR C 172 -14.64 2.00 25.72
C TYR C 172 -15.82 2.37 26.62
N VAL C 173 -16.01 3.68 26.80
CA VAL C 173 -17.14 4.22 27.51
C VAL C 173 -18.04 4.96 26.51
N VAL C 174 -19.36 4.75 26.58
CA VAL C 174 -20.33 5.56 25.79
C VAL C 174 -21.01 6.57 26.72
N ARG C 175 -21.22 7.80 26.20
CA ARG C 175 -21.70 8.95 26.99
C ARG C 175 -23.22 8.81 27.25
N GLU C 176 -24.00 8.45 26.22
CA GLU C 176 -25.48 8.27 26.34
C GLU C 176 -25.87 6.92 25.74
N PRO C 177 -26.25 5.90 26.55
CA PRO C 177 -26.61 4.58 26.01
C PRO C 177 -28.00 4.47 25.36
N GLY C 178 -28.80 5.55 25.40
CA GLY C 178 -30.21 5.52 24.99
C GLY C 178 -31.05 4.65 25.93
N GLN C 179 -32.10 4.04 25.40
CA GLN C 179 -32.96 3.11 26.17
C GLN C 179 -32.92 1.73 25.50
N SER C 180 -31.71 1.19 25.33
CA SER C 180 -31.48 -0.18 24.85
C SER C 180 -31.80 -1.19 25.94
N PRO C 181 -32.12 -2.46 25.61
CA PRO C 181 -32.59 -3.43 26.59
C PRO C 181 -31.43 -3.91 27.48
N ILE C 182 -31.70 -4.00 28.78
CA ILE C 182 -30.67 -4.05 29.83
C ILE C 182 -30.32 -5.51 30.19
N PHE C 183 -31.17 -6.47 29.78
CA PHE C 183 -31.10 -7.84 30.33
C PHE C 183 -30.01 -8.68 29.63
N TRP C 184 -29.31 -8.13 28.63
CA TRP C 184 -28.18 -8.79 27.93
C TRP C 184 -26.83 -8.18 28.35
N TYR C 185 -26.86 -7.10 29.13
CA TYR C 185 -25.70 -6.29 29.33
C TYR C 185 -24.96 -6.73 30.60
N ALA C 186 -23.63 -6.68 30.54
CA ALA C 186 -22.76 -6.99 31.68
C ALA C 186 -22.88 -5.89 32.74
N PRO C 187 -22.64 -6.21 34.03
CA PRO C 187 -22.73 -5.23 35.11
C PRO C 187 -21.95 -3.93 34.85
N GLU C 188 -20.74 -4.05 34.31
CA GLU C 188 -19.87 -2.88 34.05
C GLU C 188 -20.49 -1.99 32.94
N SER C 189 -21.31 -2.58 32.06
CA SER C 189 -22.06 -1.84 31.06
C SER C 189 -23.22 -1.09 31.75
N LEU C 190 -23.93 -1.82 32.63
CA LEU C 190 -25.06 -1.27 33.33
C LEU C 190 -24.59 -0.13 34.23
N SER C 191 -23.52 -0.35 35.01
CA SER C 191 -23.11 0.59 36.07
C SER C 191 -22.33 1.78 35.50
N ASP C 192 -21.47 1.55 34.48
CA ASP C 192 -20.52 2.59 34.04
C ASP C 192 -20.48 2.73 32.51
N ASN C 193 -21.43 2.12 31.82
CA ASN C 193 -21.49 2.15 30.35
C ASN C 193 -20.12 1.76 29.76
N ILE C 194 -19.48 0.72 30.33
CA ILE C 194 -18.25 0.17 29.78
C ILE C 194 -18.62 -1.01 28.87
N PHE C 195 -17.94 -1.10 27.74
CA PHE C 195 -18.16 -2.17 26.79
C PHE C 195 -16.81 -2.68 26.29
N SER C 196 -16.76 -3.99 26.07
CA SER C 196 -15.58 -4.67 25.69
C SER C 196 -15.94 -6.02 25.08
N ARG C 197 -14.92 -6.71 24.58
CA ARG C 197 -15.03 -8.07 24.13
C ARG C 197 -15.51 -8.96 25.28
N GLN C 198 -15.20 -8.54 26.50
CA GLN C 198 -15.50 -9.30 27.71
C GLN C 198 -16.97 -9.05 28.12
N SER C 199 -17.50 -7.84 27.84
CA SER C 199 -18.95 -7.62 28.00
C SER C 199 -19.71 -8.42 26.91
N ASP C 200 -19.12 -8.54 25.71
CA ASP C 200 -19.71 -9.36 24.64
C ASP C 200 -19.88 -10.80 25.12
N VAL C 201 -18.90 -11.32 25.88
CA VAL C 201 -18.92 -12.68 26.36
C VAL C 201 -20.10 -12.86 27.33
N TRP C 202 -20.31 -11.87 28.19
CA TRP C 202 -21.49 -11.86 29.05
C TRP C 202 -22.77 -12.01 28.21
N SER C 203 -22.89 -11.18 27.18
CA SER C 203 -24.08 -11.17 26.35
C SER C 203 -24.23 -12.55 25.68
N PHE C 204 -23.12 -13.12 25.23
CA PHE C 204 -23.14 -14.45 24.63
C PHE C 204 -23.74 -15.49 25.58
N GLY C 205 -23.40 -15.39 26.87
CA GLY C 205 -24.02 -16.21 27.91
C GLY C 205 -25.54 -16.11 27.88
N VAL C 206 -26.05 -14.89 27.71
CA VAL C 206 -27.48 -14.67 27.67
C VAL C 206 -28.06 -15.28 26.38
N VAL C 207 -27.28 -15.23 25.30
CA VAL C 207 -27.72 -15.84 24.03
C VAL C 207 -27.80 -17.36 24.20
N LEU C 208 -26.89 -17.95 24.96
CA LEU C 208 -26.92 -19.38 25.23
C LEU C 208 -28.20 -19.70 25.99
N TYR C 209 -28.55 -18.83 26.95
CA TYR C 209 -29.78 -18.95 27.69
C TYR C 209 -30.97 -18.91 26.72
N GLU C 210 -30.97 -17.95 25.79
CA GLU C 210 -32.01 -17.81 24.79
C GLU C 210 -32.12 -19.11 23.97
N LEU C 211 -31.01 -19.55 23.40
CA LEU C 211 -30.99 -20.75 22.57
C LEU C 211 -31.64 -21.91 23.33
N PHE C 212 -31.23 -22.13 24.59
CA PHE C 212 -31.56 -23.37 25.28
C PHE C 212 -32.94 -23.29 25.96
N THR C 213 -33.57 -22.10 25.92
CA THR C 213 -34.99 -21.94 26.26
C THR C 213 -35.82 -21.79 24.98
N TYR C 214 -35.19 -21.99 23.82
CA TYR C 214 -35.82 -21.76 22.52
C TYR C 214 -36.57 -20.41 22.50
N CYS C 215 -36.05 -19.43 23.24
CA CYS C 215 -36.60 -18.07 23.30
C CYS C 215 -38.08 -18.08 23.72
N ASP C 216 -38.47 -19.06 24.54
CA ASP C 216 -39.80 -19.07 25.08
C ASP C 216 -40.02 -17.78 25.88
N LYS C 217 -41.18 -17.14 25.67
CA LYS C 217 -41.48 -15.79 26.20
C LYS C 217 -41.73 -15.85 27.71
N SER C 218 -42.15 -17.02 28.23
CA SER C 218 -42.55 -17.19 29.62
C SER C 218 -41.32 -17.32 30.54
N CYS C 219 -40.16 -17.57 29.96
CA CYS C 219 -38.90 -17.60 30.72
C CYS C 219 -37.79 -16.86 29.98
N SER C 220 -38.18 -15.79 29.26
CA SER C 220 -37.22 -14.86 28.69
C SER C 220 -36.48 -14.12 29.81
N PRO C 221 -35.32 -13.51 29.51
CA PRO C 221 -34.59 -12.71 30.51
C PRO C 221 -35.48 -11.67 31.21
N SER C 222 -36.26 -10.92 30.43
CA SER C 222 -37.12 -9.87 30.96
C SER C 222 -38.20 -10.48 31.88
N ALA C 223 -38.76 -11.62 31.47
CA ALA C 223 -39.81 -12.30 32.26
C ALA C 223 -39.23 -12.79 33.59
N GLU C 224 -37.97 -13.24 33.56
CA GLU C 224 -37.33 -13.84 34.73
C GLU C 224 -36.92 -12.74 35.73
N PHE C 225 -36.64 -11.54 35.23
CA PHE C 225 -36.34 -10.40 36.09
C PHE C 225 -37.58 -9.99 36.87
N LEU C 226 -38.72 -9.86 36.19
CA LEU C 226 -40.00 -9.44 36.80
C LEU C 226 -40.36 -10.40 37.93
N ARG C 227 -40.22 -11.71 37.68
CA ARG C 227 -40.44 -12.76 38.71
C ARG C 227 -39.47 -12.53 39.89
N MET C 228 -38.24 -12.10 39.58
CA MET C 228 -37.11 -12.07 40.53
C MET C 228 -36.92 -10.65 41.09
N MET C 229 -37.98 -9.84 41.15
CA MET C 229 -37.93 -8.66 42.02
C MET C 229 -39.17 -8.59 42.93
N GLY C 230 -39.93 -9.70 43.02
CA GLY C 230 -40.88 -9.92 44.12
C GLY C 230 -42.14 -9.06 44.02
N SER C 231 -42.72 -8.76 45.19
CA SER C 231 -43.92 -7.89 45.33
C SER C 231 -43.54 -6.41 45.08
N GLU C 232 -42.32 -6.03 45.52
CA GLU C 232 -41.82 -4.62 45.55
C GLU C 232 -41.26 -4.22 44.17
N ARG C 233 -42.08 -3.48 43.38
CA ARG C 233 -41.72 -3.02 42.02
C ARG C 233 -41.56 -1.49 41.99
N ASP C 234 -41.19 -0.89 43.13
CA ASP C 234 -40.96 0.56 43.28
C ASP C 234 -39.45 0.82 43.42
N VAL C 235 -38.66 0.20 42.53
CA VAL C 235 -37.27 0.57 42.28
C VAL C 235 -37.06 0.58 40.77
N PRO C 236 -36.33 1.59 40.20
CA PRO C 236 -36.06 1.64 38.76
C PRO C 236 -35.32 0.39 38.26
N ALA C 237 -35.76 -0.14 37.13
CA ALA C 237 -35.32 -1.38 36.54
C ALA C 237 -33.79 -1.53 36.66
N LEU C 238 -33.07 -0.56 36.08
CA LEU C 238 -31.62 -0.67 35.83
C LEU C 238 -30.87 -0.85 37.16
N SER C 239 -31.20 -0.01 38.15
CA SER C 239 -30.55 -0.04 39.48
C SER C 239 -30.80 -1.40 40.15
N ARG C 240 -32.01 -1.94 39.94
CA ARG C 240 -32.46 -3.10 40.66
C ARG C 240 -31.80 -4.36 40.11
N LEU C 241 -31.72 -4.47 38.78
CA LEU C 241 -31.07 -5.60 38.09
C LEU C 241 -29.60 -5.67 38.50
N LEU C 242 -28.94 -4.51 38.43
CA LEU C 242 -27.55 -4.35 38.76
C LEU C 242 -27.28 -4.85 40.19
N GLU C 243 -28.24 -4.63 41.11
CA GLU C 243 -28.11 -5.08 42.52
C GLU C 243 -28.21 -6.61 42.62
N LEU C 244 -29.17 -7.19 41.91
CA LEU C 244 -29.32 -8.66 41.81
C LEU C 244 -27.99 -9.27 41.35
N LEU C 245 -27.39 -8.69 40.30
CA LEU C 245 -26.22 -9.28 39.66
C LEU C 245 -25.03 -9.20 40.63
N GLU C 246 -24.92 -8.08 41.34
CA GLU C 246 -23.81 -7.86 42.29
C GLU C 246 -23.97 -8.83 43.47
N GLU C 247 -25.22 -9.18 43.81
CA GLU C 247 -25.48 -10.14 44.90
C GLU C 247 -25.32 -11.59 44.41
N GLY C 248 -25.12 -11.79 43.10
CA GLY C 248 -24.72 -13.09 42.52
C GLY C 248 -25.89 -13.88 41.93
N GLN C 249 -27.08 -13.25 41.84
CA GLN C 249 -28.25 -13.86 41.17
C GLN C 249 -28.00 -13.91 39.67
N ARG C 250 -28.38 -15.03 39.06
CA ARG C 250 -28.28 -15.24 37.61
C ARG C 250 -29.57 -15.88 37.09
N LEU C 251 -29.76 -15.83 35.78
CA LEU C 251 -30.81 -16.60 35.14
C LEU C 251 -30.70 -18.06 35.56
N PRO C 252 -31.83 -18.77 35.74
CA PRO C 252 -31.80 -20.18 36.12
C PRO C 252 -31.47 -21.07 34.92
N ALA C 253 -30.98 -22.28 35.22
CA ALA C 253 -30.73 -23.30 34.22
C ALA C 253 -32.02 -23.55 33.44
N PRO C 254 -32.01 -23.39 32.09
CA PRO C 254 -33.15 -23.78 31.27
C PRO C 254 -33.54 -25.23 31.50
N PRO C 255 -34.86 -25.54 31.41
CA PRO C 255 -35.39 -26.88 31.69
C PRO C 255 -34.52 -28.08 31.27
N ALA C 256 -34.23 -28.25 29.98
CA ALA C 256 -33.57 -29.47 29.54
C ALA C 256 -32.09 -29.22 29.20
N CYS C 257 -31.51 -28.15 29.77
CA CYS C 257 -30.16 -27.67 29.40
C CYS C 257 -29.13 -28.71 29.82
N PRO C 258 -28.22 -29.16 28.91
CA PRO C 258 -27.07 -29.96 29.33
C PRO C 258 -26.29 -29.22 30.42
N ALA C 259 -25.93 -29.95 31.48
CA ALA C 259 -25.24 -29.40 32.64
C ALA C 259 -24.03 -28.55 32.20
N GLU C 260 -23.25 -29.07 31.24
CA GLU C 260 -21.99 -28.44 30.82
C GLU C 260 -22.26 -27.07 30.16
N VAL C 261 -23.40 -26.93 29.47
CA VAL C 261 -23.76 -25.67 28.83
C VAL C 261 -24.10 -24.64 29.90
N HIS C 262 -24.89 -25.06 30.90
CA HIS C 262 -25.26 -24.17 32.01
C HIS C 262 -24.00 -23.66 32.74
N GLU C 263 -23.02 -24.55 32.94
CA GLU C 263 -21.78 -24.16 33.58
C GLU C 263 -21.07 -23.11 32.73
N LEU C 264 -21.08 -23.27 31.40
CA LEU C 264 -20.43 -22.31 30.52
C LEU C 264 -21.10 -20.94 30.64
N MET C 265 -22.43 -20.93 30.73
CA MET C 265 -23.19 -19.69 30.94
C MET C 265 -22.70 -19.00 32.21
N LYS C 266 -22.60 -19.77 33.29
CA LYS C 266 -22.28 -19.19 34.57
C LYS C 266 -20.88 -18.56 34.52
N LEU C 267 -19.96 -19.15 33.73
CA LEU C 267 -18.61 -18.61 33.56
C LEU C 267 -18.67 -17.31 32.72
N CYS C 268 -19.50 -17.32 31.68
CA CYS C 268 -19.71 -16.15 30.85
C CYS C 268 -20.22 -14.99 31.71
N TRP C 269 -20.94 -15.30 32.79
CA TRP C 269 -21.53 -14.29 33.66
C TRP C 269 -20.67 -14.08 34.93
N ALA C 270 -19.35 -14.28 34.85
CA ALA C 270 -18.51 -13.94 35.98
C ALA C 270 -18.65 -12.43 36.24
N PRO C 271 -18.70 -12.01 37.53
CA PRO C 271 -18.76 -10.58 37.87
C PRO C 271 -17.63 -9.76 37.23
N SER C 272 -16.42 -10.31 37.30
CA SER C 272 -15.24 -9.63 36.84
C SER C 272 -14.94 -10.01 35.41
N PRO C 273 -14.89 -9.01 34.48
CA PRO C 273 -14.62 -9.28 33.07
C PRO C 273 -13.43 -10.19 32.76
N GLN C 274 -12.37 -10.09 33.58
CA GLN C 274 -11.10 -10.81 33.33
C GLN C 274 -11.28 -12.30 33.67
N ASP C 275 -12.33 -12.64 34.43
CA ASP C 275 -12.59 -14.05 34.84
C ASP C 275 -13.54 -14.75 33.84
N ARG C 276 -14.08 -14.01 32.88
CA ARG C 276 -14.91 -14.61 31.85
C ARG C 276 -14.00 -15.33 30.86
N PRO C 277 -14.46 -16.45 30.29
CA PRO C 277 -13.68 -17.15 29.28
C PRO C 277 -13.66 -16.29 28.01
N SER C 278 -12.62 -16.48 27.22
CA SER C 278 -12.54 -15.90 25.94
C SER C 278 -13.38 -16.75 24.97
N PHE C 279 -13.76 -16.14 23.85
CA PHE C 279 -14.46 -16.84 22.81
C PHE C 279 -13.56 -17.96 22.28
N SER C 280 -12.25 -17.75 22.29
CA SER C 280 -11.30 -18.75 21.81
C SER C 280 -11.33 -20.02 22.67
N ALA C 281 -11.65 -19.86 23.94
CA ALA C 281 -11.67 -20.97 24.87
C ALA C 281 -13.03 -21.64 24.84
N LEU C 282 -14.08 -20.86 24.60
CA LEU C 282 -15.46 -21.35 24.53
C LEU C 282 -15.62 -22.23 23.29
N GLY C 283 -15.04 -21.80 22.18
CA GLY C 283 -15.22 -22.41 20.89
C GLY C 283 -15.03 -23.92 20.96
N PRO C 284 -13.83 -24.40 21.28
CA PRO C 284 -13.56 -25.84 21.35
C PRO C 284 -14.48 -26.57 22.34
N GLN C 285 -14.84 -25.90 23.45
CA GLN C 285 -15.67 -26.56 24.45
C GLN C 285 -17.07 -26.82 23.88
N LEU C 286 -17.63 -25.85 23.14
CA LEU C 286 -18.92 -26.02 22.51
C LEU C 286 -18.83 -27.06 21.39
N ASP C 287 -17.75 -27.04 20.62
CA ASP C 287 -17.58 -27.99 19.51
C ASP C 287 -17.52 -29.43 20.03
N MET C 288 -16.93 -29.64 21.21
CA MET C 288 -16.71 -30.99 21.71
C MET C 288 -17.96 -31.48 22.46
N LEU C 289 -18.77 -30.55 22.99
CA LEU C 289 -20.08 -30.91 23.49
C LEU C 289 -21.00 -31.36 22.33
N TRP C 290 -20.88 -30.72 21.16
CA TRP C 290 -21.63 -31.10 19.96
C TRP C 290 -21.25 -32.52 19.51
N SER C 291 -19.94 -32.78 19.35
CA SER C 291 -19.44 -34.11 18.95
C SER C 291 -20.00 -35.18 19.89
N GLY C 292 -20.02 -34.87 21.19
CA GLY C 292 -20.37 -35.81 22.24
C GLY C 292 -21.86 -35.91 22.49
N SER C 293 -22.66 -35.14 21.75
CA SER C 293 -24.13 -35.20 21.88
C SER C 293 -24.76 -36.01 20.74
N ARG C 294 -23.97 -36.34 19.71
CA ARG C 294 -24.40 -37.17 18.54
C ARG C 294 -24.85 -38.57 18.99
N THR D 6 19.68 -17.28 -39.50
CA THR D 6 18.50 -18.21 -39.70
C THR D 6 18.60 -19.39 -38.70
N ILE D 7 19.73 -20.11 -38.77
CA ILE D 7 20.08 -21.22 -37.84
C ILE D 7 21.20 -20.75 -36.90
N PHE D 8 20.93 -20.78 -35.60
CA PHE D 8 21.86 -20.36 -34.58
C PHE D 8 22.48 -21.60 -33.93
N GLU D 9 23.81 -21.66 -33.91
CA GLU D 9 24.56 -22.77 -33.35
C GLU D 9 24.50 -22.69 -31.81
N GLU D 10 24.07 -23.79 -31.20
CA GLU D 10 23.95 -23.90 -29.74
C GLU D 10 25.22 -23.36 -29.07
N ARG D 11 26.38 -23.76 -29.60
CA ARG D 11 27.65 -23.56 -28.95
C ARG D 11 27.98 -22.05 -28.88
N HIS D 12 27.40 -21.27 -29.80
CA HIS D 12 27.67 -19.83 -29.89
C HIS D 12 26.63 -18.99 -29.14
N LEU D 13 25.55 -19.62 -28.63
CA LEU D 13 24.57 -18.93 -27.76
C LEU D 13 25.10 -18.94 -26.32
N LYS D 14 25.62 -17.81 -25.86
CA LYS D 14 26.21 -17.71 -24.52
C LYS D 14 25.13 -17.30 -23.52
N TYR D 15 24.83 -18.18 -22.57
CA TYR D 15 23.87 -17.88 -21.52
C TYR D 15 24.31 -16.65 -20.71
N ILE D 16 23.37 -15.72 -20.49
CA ILE D 16 23.58 -14.56 -19.66
C ILE D 16 22.67 -14.60 -18.44
N SER D 17 21.36 -14.61 -18.62
CA SER D 17 20.48 -14.73 -17.46
C SER D 17 19.07 -15.11 -17.89
N GLN D 18 18.22 -15.40 -16.90
CA GLN D 18 16.86 -15.80 -17.12
C GLN D 18 15.97 -14.57 -17.16
N LEU D 19 15.10 -14.50 -18.17
CA LEU D 19 14.14 -13.38 -18.35
C LEU D 19 12.78 -13.78 -17.80
N GLY D 20 12.39 -15.05 -17.99
CA GLY D 20 11.15 -15.56 -17.44
C GLY D 20 11.09 -17.06 -17.47
N LYS D 21 10.21 -17.63 -16.66
CA LYS D 21 10.01 -19.06 -16.55
C LYS D 21 8.51 -19.32 -16.39
N GLY D 22 7.95 -20.14 -17.29
CA GLY D 22 6.60 -20.73 -17.12
C GLY D 22 6.69 -22.08 -16.42
N ASN D 23 5.67 -22.93 -16.62
CA ASN D 23 5.67 -24.30 -16.06
C ASN D 23 6.15 -25.32 -17.10
N PHE D 24 6.09 -24.93 -18.40
CA PHE D 24 6.49 -25.82 -19.50
C PHE D 24 7.63 -25.20 -20.32
N GLY D 25 8.04 -23.97 -19.99
CA GLY D 25 9.08 -23.26 -20.75
C GLY D 25 9.68 -22.05 -20.03
N SER D 26 10.76 -21.54 -20.63
CA SER D 26 11.51 -20.40 -20.11
C SER D 26 12.03 -19.55 -21.27
N VAL D 27 12.35 -18.29 -20.96
CA VAL D 27 13.07 -17.40 -21.83
C VAL D 27 14.38 -16.98 -21.15
N GLU D 28 15.47 -17.01 -21.92
CA GLU D 28 16.79 -16.70 -21.46
C GLU D 28 17.35 -15.57 -22.32
N LEU D 29 18.00 -14.62 -21.67
CA LEU D 29 18.87 -13.71 -22.35
C LEU D 29 20.20 -14.42 -22.64
N CYS D 30 20.62 -14.34 -23.92
CA CYS D 30 21.88 -14.90 -24.39
C CYS D 30 22.54 -13.87 -25.30
N ARG D 31 23.84 -14.08 -25.54
CA ARG D 31 24.61 -13.36 -26.54
C ARG D 31 24.94 -14.36 -27.64
N TYR D 32 24.53 -14.07 -28.88
CA TYR D 32 25.00 -14.82 -30.00
C TYR D 32 26.38 -14.30 -30.40
N ASP D 33 27.42 -15.03 -29.95
CA ASP D 33 28.79 -14.54 -29.95
C ASP D 33 29.70 -15.51 -30.70
N PRO D 34 29.52 -15.67 -32.03
CA PRO D 34 30.35 -16.59 -32.82
C PRO D 34 31.85 -16.21 -32.81
N LEU D 35 32.17 -14.91 -32.72
CA LEU D 35 33.57 -14.44 -32.71
C LEU D 35 34.20 -14.64 -31.34
N GLY D 36 33.38 -14.75 -30.28
CA GLY D 36 33.85 -15.10 -28.94
C GLY D 36 34.47 -13.93 -28.18
N ASP D 37 34.19 -12.70 -28.64
CA ASP D 37 34.81 -11.48 -28.10
C ASP D 37 33.77 -10.59 -27.41
N ASN D 38 32.56 -11.13 -27.18
CA ASN D 38 31.42 -10.44 -26.54
C ASN D 38 31.03 -9.15 -27.29
N THR D 39 31.19 -9.13 -28.62
CA THR D 39 30.64 -8.05 -29.48
C THR D 39 29.32 -8.49 -30.13
N GLY D 40 28.99 -9.78 -30.02
CA GLY D 40 27.77 -10.33 -30.61
C GLY D 40 26.53 -9.65 -30.03
N ALA D 41 25.40 -9.91 -30.66
CA ALA D 41 24.14 -9.27 -30.29
C ALA D 41 23.45 -10.07 -29.17
N LEU D 42 22.73 -9.35 -28.31
CA LEU D 42 21.80 -9.98 -27.39
C LEU D 42 20.58 -10.52 -28.16
N VAL D 43 20.14 -11.72 -27.79
CA VAL D 43 18.93 -12.31 -28.27
C VAL D 43 18.19 -12.92 -27.07
N ALA D 44 16.87 -13.06 -27.20
CA ALA D 44 16.08 -13.79 -26.22
C ALA D 44 15.79 -15.17 -26.80
N VAL D 45 15.90 -16.19 -25.96
CA VAL D 45 15.80 -17.55 -26.42
C VAL D 45 14.78 -18.27 -25.56
N LYS D 46 13.77 -18.84 -26.23
CA LYS D 46 12.74 -19.62 -25.57
C LYS D 46 13.01 -21.12 -25.80
N GLN D 47 12.80 -21.90 -24.74
CA GLN D 47 12.88 -23.33 -24.80
C GLN D 47 11.88 -23.92 -23.81
N LEU D 48 11.51 -25.19 -24.04
CA LEU D 48 10.64 -25.93 -23.14
C LEU D 48 11.47 -26.71 -22.09
N GLN D 49 10.92 -26.86 -20.90
CA GLN D 49 11.34 -27.87 -19.92
C GLN D 49 10.11 -28.67 -19.50
N HIS D 50 10.32 -29.94 -19.12
CA HIS D 50 9.21 -30.85 -18.67
C HIS D 50 8.05 -30.81 -19.68
N SER D 51 8.40 -30.84 -20.97
CA SER D 51 7.43 -30.73 -22.04
C SER D 51 7.06 -32.13 -22.52
N GLY D 52 5.75 -32.39 -22.61
CA GLY D 52 5.23 -33.55 -23.31
C GLY D 52 5.27 -33.34 -24.82
N PRO D 53 4.99 -34.40 -25.63
CA PRO D 53 4.83 -34.28 -27.08
C PRO D 53 3.83 -33.23 -27.56
N ASP D 54 2.73 -33.08 -26.82
CA ASP D 54 1.68 -32.07 -27.10
C ASP D 54 2.30 -30.67 -27.10
N GLN D 55 3.12 -30.38 -26.09
CA GLN D 55 3.68 -29.07 -25.94
C GLN D 55 4.77 -28.85 -26.98
N GLN D 56 5.53 -29.89 -27.32
CA GLN D 56 6.55 -29.80 -28.36
C GLN D 56 5.90 -29.41 -29.70
N ARG D 57 4.75 -30.01 -30.02
CA ARG D 57 4.03 -29.69 -31.28
C ARG D 57 3.52 -28.24 -31.24
N ASP D 58 2.96 -27.83 -30.11
CA ASP D 58 2.43 -26.48 -29.97
C ASP D 58 3.56 -25.47 -30.21
N PHE D 59 4.75 -25.79 -29.70
CA PHE D 59 5.90 -24.93 -29.80
C PHE D 59 6.37 -24.84 -31.24
N GLN D 60 6.33 -25.95 -31.97
CA GLN D 60 6.62 -25.94 -33.41
C GLN D 60 5.67 -25.00 -34.16
N ARG D 61 4.39 -24.99 -33.77
CA ARG D 61 3.36 -24.13 -34.41
C ARG D 61 3.70 -22.66 -34.08
N GLU D 62 3.97 -22.41 -32.80
CA GLU D 62 4.28 -21.09 -32.28
C GLU D 62 5.46 -20.50 -33.05
N ILE D 63 6.49 -21.29 -33.25
CA ILE D 63 7.65 -20.85 -34.00
C ILE D 63 7.23 -20.45 -35.40
N GLN D 64 6.39 -21.27 -36.06
CA GLN D 64 6.05 -20.98 -37.45
C GLN D 64 5.14 -19.75 -37.51
N ILE D 65 4.30 -19.56 -36.50
CA ILE D 65 3.41 -18.40 -36.49
C ILE D 65 4.24 -17.13 -36.37
N LEU D 66 5.10 -17.09 -35.35
CA LEU D 66 5.86 -15.89 -35.07
C LEU D 66 6.76 -15.55 -36.27
N LYS D 67 7.33 -16.59 -36.87
CA LYS D 67 8.21 -16.44 -38.00
C LYS D 67 7.48 -15.78 -39.16
N ALA D 68 6.18 -16.04 -39.29
CA ALA D 68 5.45 -15.60 -40.47
C ALA D 68 4.93 -14.16 -40.29
N LEU D 69 5.00 -13.62 -39.06
CA LEU D 69 4.47 -12.30 -38.75
C LEU D 69 5.55 -11.23 -38.98
N HIS D 70 5.21 -10.19 -39.73
CA HIS D 70 6.14 -9.08 -40.01
C HIS D 70 5.46 -7.76 -39.68
N SER D 71 5.60 -7.33 -38.43
CA SER D 71 5.01 -6.13 -37.94
C SER D 71 5.98 -5.45 -36.98
N ASP D 72 6.05 -4.13 -37.03
CA ASP D 72 6.84 -3.36 -36.11
C ASP D 72 6.31 -3.50 -34.69
N PHE D 73 5.09 -4.06 -34.53
CA PHE D 73 4.42 -4.09 -33.24
C PHE D 73 4.32 -5.54 -32.73
N ILE D 74 5.09 -6.43 -33.34
CA ILE D 74 5.14 -7.82 -32.88
C ILE D 74 6.61 -8.24 -32.71
N VAL D 75 6.92 -8.88 -31.59
CA VAL D 75 8.29 -9.25 -31.29
C VAL D 75 8.84 -10.05 -32.47
N LYS D 76 10.07 -9.74 -32.85
CA LYS D 76 10.67 -10.23 -34.06
C LYS D 76 11.31 -11.61 -33.84
N TYR D 77 10.94 -12.55 -34.70
CA TYR D 77 11.58 -13.82 -34.85
C TYR D 77 12.95 -13.61 -35.51
N ARG D 78 14.00 -14.27 -34.99
CA ARG D 78 15.34 -14.22 -35.60
C ARG D 78 15.72 -15.61 -36.16
N GLY D 79 15.35 -16.68 -35.45
CA GLY D 79 15.70 -18.02 -35.91
C GLY D 79 15.42 -19.09 -34.88
N VAL D 80 16.02 -20.27 -35.08
CA VAL D 80 15.91 -21.39 -34.14
C VAL D 80 17.30 -21.95 -33.90
N SER D 81 17.43 -22.65 -32.78
CA SER D 81 18.61 -23.42 -32.46
C SER D 81 18.20 -24.88 -32.17
N TYR D 82 18.88 -25.81 -32.84
CA TYR D 82 18.71 -27.28 -32.73
C TYR D 82 19.94 -27.86 -31.99
N SER D 88 17.29 -30.25 -28.73
CA SER D 88 15.84 -30.42 -28.91
C SER D 88 15.29 -29.37 -29.92
N LEU D 89 14.93 -28.16 -29.43
CA LEU D 89 14.50 -26.99 -30.24
C LEU D 89 14.43 -25.72 -29.36
N ARG D 90 15.07 -24.65 -29.82
CA ARG D 90 15.06 -23.35 -29.15
C ARG D 90 14.67 -22.24 -30.15
N LEU D 91 13.82 -21.30 -29.69
CA LEU D 91 13.36 -20.15 -30.51
C LEU D 91 14.18 -18.90 -30.17
N VAL D 92 14.81 -18.31 -31.18
CA VAL D 92 15.63 -17.15 -31.01
C VAL D 92 14.87 -15.92 -31.49
N MET D 93 14.72 -14.92 -30.61
CA MET D 93 14.03 -13.67 -30.90
C MET D 93 14.97 -12.51 -30.60
N GLU D 94 14.65 -11.33 -31.15
CA GLU D 94 15.30 -10.11 -30.76
C GLU D 94 15.12 -9.92 -29.24
N TYR D 95 16.09 -9.27 -28.61
CA TYR D 95 15.96 -8.92 -27.20
C TYR D 95 15.37 -7.53 -27.10
N LEU D 96 14.27 -7.38 -26.37
CA LEU D 96 13.74 -6.04 -26.07
C LEU D 96 14.08 -5.75 -24.61
N PRO D 97 15.02 -4.82 -24.37
CA PRO D 97 15.71 -4.72 -23.08
C PRO D 97 14.88 -4.19 -21.91
N SER D 98 13.78 -3.49 -22.21
CA SER D 98 13.02 -2.83 -21.17
C SER D 98 11.95 -3.76 -20.56
N GLY D 99 11.82 -4.97 -21.12
CA GLY D 99 11.02 -6.02 -20.48
C GLY D 99 9.53 -5.80 -20.69
N CYS D 100 8.72 -6.36 -19.80
CA CYS D 100 7.30 -6.39 -20.00
C CYS D 100 6.68 -5.04 -19.61
N LEU D 101 5.57 -4.70 -20.26
CA LEU D 101 4.94 -3.42 -20.12
C LEU D 101 4.37 -3.26 -18.71
N ARG D 102 3.80 -4.34 -18.16
CA ARG D 102 3.23 -4.28 -16.83
C ARG D 102 4.23 -3.66 -15.84
N ASP D 103 5.43 -4.23 -15.78
CA ASP D 103 6.49 -3.81 -14.81
C ASP D 103 6.97 -2.41 -15.19
N PHE D 104 7.10 -2.15 -16.49
CA PHE D 104 7.63 -0.88 -17.01
C PHE D 104 6.70 0.28 -16.58
N LEU D 105 5.39 0.07 -16.68
CA LEU D 105 4.44 1.09 -16.32
C LEU D 105 4.59 1.39 -14.81
N GLN D 106 4.68 0.33 -14.00
CA GLN D 106 4.84 0.48 -12.54
C GLN D 106 6.12 1.27 -12.22
N ARG D 107 7.21 0.92 -12.88
CA ARG D 107 8.55 1.42 -12.58
C ARG D 107 8.69 2.88 -13.03
N HIS D 108 8.18 3.24 -14.22
CA HIS D 108 8.45 4.59 -14.82
C HIS D 108 7.20 5.47 -14.85
N ARG D 109 6.20 5.13 -14.03
CA ARG D 109 4.90 5.81 -13.98
CA ARG D 109 4.89 5.82 -14.00
C ARG D 109 5.07 7.33 -14.13
N ALA D 110 5.98 7.90 -13.34
CA ALA D 110 6.06 9.35 -13.19
C ALA D 110 6.46 10.03 -14.51
N ARG D 111 7.11 9.27 -15.40
CA ARG D 111 7.66 9.74 -16.66
C ARG D 111 6.70 9.56 -17.85
N LEU D 112 5.54 8.93 -17.64
CA LEU D 112 4.63 8.48 -18.72
C LEU D 112 3.27 9.18 -18.58
N ASP D 113 2.91 10.04 -19.55
CA ASP D 113 1.63 10.79 -19.49
C ASP D 113 0.55 10.03 -20.32
N ALA D 114 -0.68 10.54 -20.31
CA ALA D 114 -1.82 9.96 -20.99
C ALA D 114 -1.50 9.79 -22.49
N SER D 115 -0.83 10.79 -23.07
CA SER D 115 -0.42 10.74 -24.47
C SER D 115 0.37 9.45 -24.73
N ARG D 116 1.32 9.14 -23.83
CA ARG D 116 2.19 8.02 -24.03
C ARG D 116 1.40 6.71 -23.95
N LEU D 117 0.45 6.63 -23.02
CA LEU D 117 -0.41 5.45 -22.92
C LEU D 117 -1.22 5.28 -24.22
N LEU D 118 -1.64 6.39 -24.83
CA LEU D 118 -2.40 6.32 -26.05
C LEU D 118 -1.53 5.83 -27.20
N LEU D 119 -0.28 6.26 -27.22
CA LEU D 119 0.70 5.79 -28.18
C LEU D 119 0.81 4.25 -28.07
N TYR D 120 0.94 3.75 -26.85
CA TYR D 120 1.07 2.32 -26.60
C TYR D 120 -0.22 1.62 -27.05
N SER D 121 -1.38 2.19 -26.69
CA SER D 121 -2.69 1.68 -27.08
C SER D 121 -2.74 1.50 -28.61
N SER D 122 -2.32 2.54 -29.31
CA SER D 122 -2.34 2.58 -30.76
C SER D 122 -1.44 1.49 -31.35
N GLN D 123 -0.25 1.33 -30.79
CA GLN D 123 0.75 0.37 -31.28
C GLN D 123 0.23 -1.06 -31.07
N ILE D 124 -0.33 -1.33 -29.89
CA ILE D 124 -0.86 -2.63 -29.56
C ILE D 124 -2.04 -2.96 -30.50
N CYS D 125 -2.91 -1.97 -30.69
CA CYS D 125 -4.05 -2.08 -31.59
C CYS D 125 -3.59 -2.46 -33.01
N LYS D 126 -2.60 -1.73 -33.54
CA LYS D 126 -2.08 -2.01 -34.87
C LYS D 126 -1.54 -3.43 -34.91
N GLY D 127 -0.81 -3.79 -33.87
CA GLY D 127 -0.28 -5.12 -33.75
C GLY D 127 -1.36 -6.19 -33.85
N MET D 128 -2.45 -5.99 -33.10
CA MET D 128 -3.58 -6.90 -33.08
C MET D 128 -4.30 -6.87 -34.42
N GLU D 129 -4.39 -5.69 -35.04
CA GLU D 129 -5.02 -5.59 -36.33
C GLU D 129 -4.26 -6.50 -37.31
N TYR D 130 -2.92 -6.45 -37.27
CA TYR D 130 -2.13 -7.19 -38.20
C TYR D 130 -2.32 -8.69 -37.96
N LEU D 131 -2.31 -9.10 -36.68
CA LEU D 131 -2.56 -10.50 -36.31
C LEU D 131 -3.87 -11.02 -36.91
N GLY D 132 -4.95 -10.30 -36.66
CA GLY D 132 -6.27 -10.67 -37.18
C GLY D 132 -6.22 -10.93 -38.68
N SER D 133 -5.42 -10.13 -39.40
CA SER D 133 -5.35 -10.22 -40.84
C SER D 133 -4.62 -11.51 -41.27
N ARG D 134 -3.87 -12.13 -40.35
CA ARG D 134 -3.27 -13.46 -40.61
C ARG D 134 -4.11 -14.57 -39.95
N ARG D 135 -5.32 -14.22 -39.52
CA ARG D 135 -6.29 -15.16 -38.93
C ARG D 135 -5.68 -15.82 -37.71
N CYS D 136 -4.91 -15.04 -36.94
CA CYS D 136 -4.30 -15.48 -35.71
C CYS D 136 -5.03 -14.87 -34.51
N VAL D 137 -5.46 -15.73 -33.58
CA VAL D 137 -5.89 -15.32 -32.27
C VAL D 137 -4.69 -15.41 -31.31
N HIS D 138 -4.44 -14.36 -30.54
CA HIS D 138 -3.35 -14.30 -29.58
C HIS D 138 -3.75 -14.96 -28.25
N ARG D 139 -4.92 -14.55 -27.73
CA ARG D 139 -5.56 -15.15 -26.55
C ARG D 139 -4.97 -14.61 -25.24
N ALA D 140 -3.63 -14.56 -25.12
CA ALA D 140 -2.96 -14.26 -23.84
C ALA D 140 -2.78 -12.75 -23.62
N LEU D 141 -3.06 -11.94 -24.63
CA LEU D 141 -2.78 -10.50 -24.61
C LEU D 141 -3.07 -9.90 -23.23
N ALA D 142 -2.01 -9.34 -22.63
CA ALA D 142 -2.09 -8.62 -21.38
C ALA D 142 -0.78 -7.86 -21.18
N ALA D 143 -0.80 -6.84 -20.32
CA ALA D 143 0.37 -5.98 -20.13
C ALA D 143 1.58 -6.82 -19.72
N ARG D 144 1.35 -7.94 -19.03
CA ARG D 144 2.44 -8.76 -18.53
C ARG D 144 3.16 -9.47 -19.68
N ASN D 145 2.56 -9.57 -20.87
CA ASN D 145 3.26 -10.25 -21.98
C ASN D 145 3.47 -9.33 -23.20
N ILE D 146 3.03 -8.08 -23.14
CA ILE D 146 3.50 -7.05 -24.08
C ILE D 146 4.90 -6.58 -23.64
N LEU D 147 5.79 -6.34 -24.60
CA LEU D 147 7.17 -5.98 -24.32
C LEU D 147 7.43 -4.53 -24.72
N VAL D 148 8.44 -3.94 -24.12
CA VAL D 148 8.82 -2.59 -24.37
C VAL D 148 10.17 -2.59 -25.09
N GLU D 149 10.16 -2.17 -26.34
CA GLU D 149 11.37 -1.99 -27.07
C GLU D 149 12.06 -0.71 -26.62
N SER D 150 11.25 0.34 -26.43
CA SER D 150 11.70 1.60 -25.96
C SER D 150 10.55 2.32 -25.28
N GLU D 151 10.85 3.44 -24.65
CA GLU D 151 9.87 4.27 -23.99
C GLU D 151 8.79 4.73 -24.97
N ALA D 152 9.08 4.66 -26.28
CA ALA D 152 8.21 5.15 -27.32
C ALA D 152 7.62 4.01 -28.19
N HIS D 153 7.75 2.75 -27.75
CA HIS D 153 7.53 1.62 -28.67
C HIS D 153 7.33 0.30 -27.90
N VAL D 154 6.11 -0.24 -27.98
CA VAL D 154 5.82 -1.57 -27.44
C VAL D 154 5.56 -2.55 -28.59
N LYS D 155 5.61 -3.84 -28.27
CA LYS D 155 5.32 -4.91 -29.19
C LYS D 155 4.62 -6.04 -28.45
N ILE D 156 3.72 -6.73 -29.16
CA ILE D 156 3.07 -7.89 -28.66
C ILE D 156 4.05 -9.06 -28.69
N ALA D 157 4.00 -9.88 -27.63
CA ALA D 157 4.82 -11.05 -27.48
C ALA D 157 4.01 -12.17 -26.80
N ASP D 158 4.74 -13.23 -26.43
CA ASP D 158 4.23 -14.48 -25.87
C ASP D 158 3.10 -15.05 -26.73
N PHE D 159 3.50 -15.81 -27.76
CA PHE D 159 2.57 -16.48 -28.65
C PHE D 159 2.36 -17.94 -28.22
N GLY D 160 2.54 -18.21 -26.94
CA GLY D 160 2.46 -19.56 -26.38
C GLY D 160 1.09 -20.17 -26.49
N LEU D 161 0.05 -19.33 -26.55
CA LEU D 161 -1.34 -19.78 -26.65
C LEU D 161 -1.92 -19.34 -27.98
N ALA D 162 -1.14 -18.70 -28.83
CA ALA D 162 -1.62 -18.20 -30.08
C ALA D 162 -2.02 -19.39 -30.97
N LYS D 163 -3.07 -19.19 -31.77
CA LYS D 163 -3.58 -20.24 -32.62
C LYS D 163 -4.19 -19.60 -33.87
N LEU D 164 -3.94 -20.24 -35.03
CA LEU D 164 -4.62 -19.84 -36.26
C LEU D 164 -6.07 -20.33 -36.24
N LEU D 165 -6.97 -19.49 -36.75
CA LEU D 165 -8.39 -19.86 -36.84
C LEU D 165 -8.53 -21.06 -37.78
N PRO D 166 -9.49 -21.96 -37.51
CA PRO D 166 -9.87 -22.97 -38.50
C PRO D 166 -10.14 -22.27 -39.82
N LEU D 167 -9.90 -22.97 -40.92
CA LEU D 167 -10.08 -22.42 -42.25
C LEU D 167 -11.57 -22.22 -42.59
N ASP D 168 -12.49 -22.78 -41.79
CA ASP D 168 -13.95 -22.74 -42.08
C ASP D 168 -14.73 -22.00 -40.97
N LYS D 169 -14.04 -21.28 -40.09
CA LYS D 169 -14.66 -20.69 -38.88
C LYS D 169 -13.88 -19.45 -38.42
N ASP D 170 -14.55 -18.61 -37.64
CA ASP D 170 -14.00 -17.38 -37.13
C ASP D 170 -13.76 -17.50 -35.62
N TYR D 171 -13.85 -18.72 -35.10
CA TYR D 171 -13.56 -18.99 -33.72
C TYR D 171 -13.02 -20.41 -33.60
N TYR D 172 -12.58 -20.78 -32.39
CA TYR D 172 -12.24 -22.16 -32.08
C TYR D 172 -12.61 -22.48 -30.63
N VAL D 173 -12.71 -23.78 -30.33
CA VAL D 173 -12.94 -24.28 -28.99
C VAL D 173 -11.67 -25.01 -28.52
N VAL D 174 -11.25 -24.75 -27.27
CA VAL D 174 -10.16 -25.57 -26.64
C VAL D 174 -10.79 -26.54 -25.63
N ARG D 175 -10.26 -27.77 -25.61
CA ARG D 175 -10.74 -28.88 -24.76
C ARG D 175 -10.36 -28.65 -23.29
N GLU D 176 -9.10 -28.24 -23.03
CA GLU D 176 -8.55 -28.03 -21.68
C GLU D 176 -7.93 -26.63 -21.58
N PRO D 177 -8.54 -25.67 -20.84
CA PRO D 177 -8.03 -24.30 -20.77
C PRO D 177 -6.78 -24.07 -19.87
N GLY D 178 -6.29 -25.12 -19.21
CA GLY D 178 -5.11 -25.05 -18.34
C GLY D 178 -5.43 -24.25 -17.07
N GLN D 179 -4.40 -23.60 -16.51
CA GLN D 179 -4.54 -22.79 -15.29
C GLN D 179 -4.12 -21.34 -15.59
N SER D 180 -4.59 -20.79 -16.72
CA SER D 180 -4.30 -19.42 -17.14
C SER D 180 -5.14 -18.44 -16.32
N PRO D 181 -4.72 -17.16 -16.15
CA PRO D 181 -5.51 -16.17 -15.43
C PRO D 181 -6.72 -15.74 -16.26
N ILE D 182 -7.88 -15.61 -15.60
CA ILE D 182 -9.19 -15.57 -16.25
C ILE D 182 -9.67 -14.13 -16.50
N PHE D 183 -9.01 -13.15 -15.90
CA PHE D 183 -9.59 -11.78 -15.76
C PHE D 183 -9.46 -10.93 -17.05
N TRP D 184 -8.85 -11.49 -18.12
CA TRP D 184 -8.70 -10.87 -19.44
C TRP D 184 -9.63 -11.54 -20.47
N TYR D 185 -10.35 -12.57 -20.08
CA TYR D 185 -11.05 -13.43 -21.00
C TYR D 185 -12.50 -12.96 -21.15
N ALA D 186 -12.98 -13.04 -22.40
CA ALA D 186 -14.35 -12.73 -22.75
C ALA D 186 -15.30 -13.78 -22.17
N PRO D 187 -16.57 -13.41 -21.89
CA PRO D 187 -17.55 -14.34 -21.32
C PRO D 187 -17.65 -15.67 -22.09
N GLU D 188 -17.63 -15.60 -23.44
CA GLU D 188 -17.76 -16.82 -24.29
C GLU D 188 -16.52 -17.73 -24.10
N SER D 189 -15.39 -17.14 -23.75
CA SER D 189 -14.19 -17.92 -23.41
C SER D 189 -14.38 -18.60 -22.04
N LEU D 190 -14.88 -17.82 -21.07
CA LEU D 190 -15.09 -18.33 -19.73
C LEU D 190 -16.15 -19.45 -19.79
N SER D 191 -17.28 -19.20 -20.45
CA SER D 191 -18.44 -20.10 -20.37
C SER D 191 -18.26 -21.34 -21.27
N ASP D 192 -17.66 -21.18 -22.47
CA ASP D 192 -17.66 -22.26 -23.49
C ASP D 192 -16.27 -22.47 -24.11
N ASN D 193 -15.23 -21.86 -23.52
CA ASN D 193 -13.88 -21.95 -24.03
C ASN D 193 -13.84 -21.63 -25.54
N ILE D 194 -14.59 -20.60 -25.94
CA ILE D 194 -14.53 -20.08 -27.31
C ILE D 194 -13.50 -18.95 -27.35
N PHE D 195 -12.70 -18.92 -28.42
CA PHE D 195 -11.73 -17.88 -28.62
C PHE D 195 -11.79 -17.43 -30.08
N SER D 196 -11.59 -16.14 -30.28
CA SER D 196 -11.70 -15.53 -31.56
C SER D 196 -10.96 -14.20 -31.54
N ARG D 197 -10.91 -13.57 -32.71
CA ARG D 197 -10.40 -12.23 -32.87
C ARG D 197 -11.26 -11.28 -32.02
N GLN D 198 -12.52 -11.65 -31.80
CA GLN D 198 -13.46 -10.81 -31.09
C GLN D 198 -13.26 -10.99 -29.57
N SER D 199 -12.83 -12.18 -29.14
CA SER D 199 -12.42 -12.35 -27.74
C SER D 199 -11.11 -11.57 -27.50
N ASP D 200 -10.23 -11.52 -28.51
CA ASP D 200 -9.00 -10.73 -28.43
C ASP D 200 -9.32 -9.27 -28.16
N VAL D 201 -10.38 -8.75 -28.81
CA VAL D 201 -10.78 -7.36 -28.65
C VAL D 201 -11.22 -7.12 -27.21
N TRP D 202 -11.96 -8.05 -26.64
CA TRP D 202 -12.31 -7.99 -25.21
C TRP D 202 -11.04 -7.83 -24.38
N SER D 203 -10.06 -8.71 -24.63
CA SER D 203 -8.80 -8.71 -23.85
C SER D 203 -8.11 -7.35 -24.01
N PHE D 204 -8.12 -6.82 -25.24
CA PHE D 204 -7.52 -5.53 -25.50
C PHE D 204 -8.14 -4.44 -24.62
N GLY D 205 -9.46 -4.49 -24.43
CA GLY D 205 -10.17 -3.63 -23.48
C GLY D 205 -9.55 -3.68 -22.09
N VAL D 206 -9.21 -4.89 -21.64
CA VAL D 206 -8.61 -5.07 -20.32
C VAL D 206 -7.18 -4.49 -20.32
N VAL D 207 -6.49 -4.59 -21.46
CA VAL D 207 -5.15 -4.02 -21.59
C VAL D 207 -5.23 -2.50 -21.51
N LEU D 208 -6.28 -1.91 -22.07
CA LEU D 208 -6.47 -0.47 -21.99
C LEU D 208 -6.65 -0.08 -20.52
N TYR D 209 -7.40 -0.90 -19.79
CA TYR D 209 -7.62 -0.71 -18.37
C TYR D 209 -6.25 -0.76 -17.64
N GLU D 210 -5.42 -1.74 -18.01
CA GLU D 210 -4.10 -1.90 -17.42
C GLU D 210 -3.27 -0.64 -17.69
N LEU D 211 -3.17 -0.24 -18.96
CA LEU D 211 -2.39 0.90 -19.33
C LEU D 211 -2.81 2.13 -18.48
N PHE D 212 -4.13 2.38 -18.38
CA PHE D 212 -4.60 3.65 -17.84
C PHE D 212 -4.65 3.62 -16.30
N THR D 213 -4.41 2.46 -15.69
CA THR D 213 -4.14 2.35 -14.25
C THR D 213 -2.63 2.19 -14.00
N TYR D 214 -1.82 2.34 -15.05
CA TYR D 214 -0.38 2.11 -15.00
C TYR D 214 -0.07 0.80 -14.28
N CYS D 215 -0.95 -0.19 -14.44
CA CYS D 215 -0.79 -1.54 -13.86
C CYS D 215 -0.52 -1.49 -12.37
N ASP D 216 -1.12 -0.49 -11.69
CA ASP D 216 -1.10 -0.44 -10.25
C ASP D 216 -1.67 -1.75 -9.72
N LYS D 217 -1.00 -2.35 -8.72
CA LYS D 217 -1.31 -3.70 -8.23
C LYS D 217 -2.63 -3.70 -7.44
N SER D 218 -2.94 -2.55 -6.83
CA SER D 218 -4.06 -2.41 -5.90
C SER D 218 -5.38 -2.25 -6.65
N CYS D 219 -5.31 -2.01 -7.97
CA CYS D 219 -6.50 -1.97 -8.80
C CYS D 219 -6.25 -2.70 -10.13
N SER D 220 -5.47 -3.78 -10.07
CA SER D 220 -5.34 -4.73 -11.15
C SER D 220 -6.67 -5.43 -11.37
N PRO D 221 -6.89 -6.06 -12.55
CA PRO D 221 -8.10 -6.84 -12.80
C PRO D 221 -8.40 -7.85 -11.68
N SER D 222 -7.38 -8.61 -11.26
CA SER D 222 -7.57 -9.63 -10.21
C SER D 222 -7.97 -8.99 -8.89
N ALA D 223 -7.34 -7.86 -8.57
CA ALA D 223 -7.63 -7.15 -7.31
C ALA D 223 -9.04 -6.58 -7.34
N GLU D 224 -9.51 -6.17 -8.52
CA GLU D 224 -10.83 -5.53 -8.65
C GLU D 224 -11.94 -6.57 -8.61
N PHE D 225 -11.63 -7.81 -9.01
CA PHE D 225 -12.57 -8.90 -8.88
C PHE D 225 -12.80 -9.23 -7.40
N LEU D 226 -11.71 -9.35 -6.63
CA LEU D 226 -11.77 -9.68 -5.20
C LEU D 226 -12.62 -8.64 -4.46
N ARG D 227 -12.39 -7.35 -4.76
CA ARG D 227 -13.20 -6.25 -4.19
C ARG D 227 -14.67 -6.43 -4.61
N MET D 228 -14.91 -6.92 -5.83
CA MET D 228 -16.27 -6.99 -6.39
C MET D 228 -17.10 -8.10 -5.70
N MET D 229 -16.43 -9.18 -5.29
CA MET D 229 -17.02 -10.18 -4.42
C MET D 229 -17.23 -9.56 -3.03
N ALA D 237 -14.76 -19.15 -8.50
CA ALA D 237 -14.04 -17.99 -9.03
C ALA D 237 -14.42 -17.74 -10.50
N LEU D 238 -14.18 -18.74 -11.35
CA LEU D 238 -14.57 -18.72 -12.78
C LEU D 238 -16.09 -18.48 -12.90
N SER D 239 -16.87 -19.23 -12.12
CA SER D 239 -18.34 -19.14 -12.13
C SER D 239 -18.78 -17.74 -11.72
N ARG D 240 -18.07 -17.16 -10.76
CA ARG D 240 -18.48 -15.93 -10.12
C ARG D 240 -18.21 -14.74 -11.05
N LEU D 241 -17.05 -14.73 -11.71
CA LEU D 241 -16.67 -13.69 -12.66
C LEU D 241 -17.66 -13.66 -13.83
N LEU D 242 -17.92 -14.85 -14.37
CA LEU D 242 -18.85 -15.05 -15.47
C LEU D 242 -20.22 -14.45 -15.12
N GLU D 243 -20.63 -14.59 -13.85
CA GLU D 243 -21.95 -14.08 -13.38
C GLU D 243 -21.95 -12.55 -13.34
N LEU D 244 -20.87 -11.95 -12.82
CA LEU D 244 -20.69 -10.49 -12.82
C LEU D 244 -20.86 -9.95 -14.25
N LEU D 245 -20.18 -10.58 -15.20
CA LEU D 245 -20.09 -10.06 -16.54
C LEU D 245 -21.47 -10.15 -17.21
N GLU D 246 -22.18 -11.25 -16.95
CA GLU D 246 -23.50 -11.46 -17.54
C GLU D 246 -24.51 -10.46 -16.94
N GLU D 247 -24.28 -10.05 -15.69
CA GLU D 247 -25.09 -9.01 -15.02
C GLU D 247 -24.78 -7.62 -15.58
N GLY D 248 -23.64 -7.47 -16.27
CA GLY D 248 -23.25 -6.20 -16.90
C GLY D 248 -22.25 -5.41 -16.07
N GLN D 249 -21.71 -6.01 -14.99
CA GLN D 249 -20.62 -5.41 -14.20
C GLN D 249 -19.34 -5.43 -15.04
N ARG D 250 -18.57 -4.34 -14.98
CA ARG D 250 -17.31 -4.19 -15.66
C ARG D 250 -16.29 -3.55 -14.70
N LEU D 251 -15.00 -3.65 -15.07
CA LEU D 251 -13.98 -2.90 -14.39
C LEU D 251 -14.37 -1.43 -14.37
N PRO D 252 -14.05 -0.68 -13.30
CA PRO D 252 -14.36 0.74 -13.22
C PRO D 252 -13.42 1.61 -14.05
N ALA D 253 -13.90 2.79 -14.46
CA ALA D 253 -13.08 3.78 -15.16
C ALA D 253 -11.86 4.09 -14.31
N PRO D 254 -10.63 3.90 -14.83
CA PRO D 254 -9.43 4.33 -14.12
C PRO D 254 -9.48 5.82 -13.76
N PRO D 255 -8.92 6.20 -12.60
CA PRO D 255 -8.99 7.58 -12.11
C PRO D 255 -8.85 8.69 -13.16
N ALA D 256 -7.72 8.75 -13.88
CA ALA D 256 -7.49 9.91 -14.78
C ALA D 256 -7.66 9.50 -16.25
N CYS D 257 -8.43 8.42 -16.50
CA CYS D 257 -8.72 7.93 -17.85
C CYS D 257 -9.55 8.99 -18.60
N PRO D 258 -9.15 9.41 -19.82
CA PRO D 258 -10.03 10.19 -20.67
C PRO D 258 -11.37 9.46 -20.87
N ALA D 259 -12.48 10.20 -20.75
CA ALA D 259 -13.82 9.64 -20.89
C ALA D 259 -13.93 8.78 -22.15
N GLU D 260 -13.38 9.27 -23.27
CA GLU D 260 -13.53 8.62 -24.56
C GLU D 260 -12.79 7.27 -24.59
N VAL D 261 -11.68 7.14 -23.85
CA VAL D 261 -10.95 5.87 -23.76
C VAL D 261 -11.80 4.86 -22.98
N HIS D 262 -12.39 5.29 -21.87
CA HIS D 262 -13.27 4.45 -21.07
C HIS D 262 -14.46 3.95 -21.91
N GLU D 263 -15.03 4.82 -22.73
CA GLU D 263 -16.13 4.43 -23.61
C GLU D 263 -15.65 3.34 -24.58
N LEU D 264 -14.44 3.47 -25.10
CA LEU D 264 -13.90 2.46 -26.01
C LEU D 264 -13.75 1.11 -25.29
N MET D 265 -13.29 1.12 -24.04
CA MET D 265 -13.20 -0.09 -23.23
C MET D 265 -14.59 -0.74 -23.14
N LYS D 266 -15.60 0.06 -22.84
CA LYS D 266 -16.93 -0.49 -22.62
C LYS D 266 -17.43 -1.16 -23.90
N LEU D 267 -17.06 -0.62 -25.07
CA LEU D 267 -17.45 -1.21 -26.35
C LEU D 267 -16.68 -2.50 -26.58
N CYS D 268 -15.39 -2.52 -26.23
CA CYS D 268 -14.57 -3.71 -26.30
C CYS D 268 -15.18 -4.83 -25.46
N TRP D 269 -15.88 -4.45 -24.38
CA TRP D 269 -16.48 -5.39 -23.45
C TRP D 269 -17.98 -5.59 -23.73
N ALA D 270 -18.42 -5.44 -24.98
CA ALA D 270 -19.80 -5.78 -25.32
C ALA D 270 -20.02 -7.26 -25.03
N PRO D 271 -21.18 -7.65 -24.45
CA PRO D 271 -21.49 -9.06 -24.18
C PRO D 271 -21.36 -9.94 -25.43
N SER D 272 -21.90 -9.43 -26.54
CA SER D 272 -21.96 -10.17 -27.77
C SER D 272 -20.75 -9.86 -28.63
N PRO D 273 -19.94 -10.88 -29.00
CA PRO D 273 -18.74 -10.68 -29.82
C PRO D 273 -18.94 -9.83 -31.08
N GLN D 274 -20.12 -9.95 -31.72
CA GLN D 274 -20.40 -9.28 -33.02
C GLN D 274 -20.59 -7.77 -32.80
N ASP D 275 -20.86 -7.36 -31.55
CA ASP D 275 -21.09 -5.94 -31.21
C ASP D 275 -19.79 -5.24 -30.78
N ARG D 276 -18.70 -5.99 -30.64
CA ARG D 276 -17.43 -5.39 -30.29
C ARG D 276 -16.84 -4.74 -31.53
N PRO D 277 -16.13 -3.62 -31.38
CA PRO D 277 -15.47 -2.99 -32.52
C PRO D 277 -14.33 -3.90 -32.99
N SER D 278 -13.98 -3.79 -34.26
CA SER D 278 -12.84 -4.43 -34.78
C SER D 278 -11.59 -3.59 -34.42
N PHE D 279 -10.42 -4.21 -34.48
CA PHE D 279 -9.18 -3.51 -34.28
C PHE D 279 -9.03 -2.42 -35.34
N SER D 280 -9.55 -2.68 -36.54
CA SER D 280 -9.45 -1.72 -37.64
C SER D 280 -10.25 -0.45 -37.33
N ALA D 281 -11.33 -0.59 -36.55
CA ALA D 281 -12.19 0.53 -36.21
C ALA D 281 -11.62 1.28 -35.00
N LEU D 282 -11.00 0.54 -34.09
CA LEU D 282 -10.41 1.08 -32.88
C LEU D 282 -9.20 1.95 -33.23
N GLY D 283 -8.39 1.48 -34.16
CA GLY D 283 -7.12 2.11 -34.51
C GLY D 283 -7.28 3.62 -34.69
N PRO D 284 -8.05 4.07 -35.69
CA PRO D 284 -8.24 5.50 -35.93
C PRO D 284 -8.82 6.25 -34.73
N GLN D 285 -9.68 5.59 -33.96
CA GLN D 285 -10.31 6.26 -32.83
C GLN D 285 -9.27 6.57 -31.75
N LEU D 286 -8.37 5.61 -31.48
CA LEU D 286 -7.30 5.81 -30.54
C LEU D 286 -6.33 6.86 -31.07
N ASP D 287 -6.01 6.82 -32.37
CA ASP D 287 -5.07 7.77 -32.96
C ASP D 287 -5.60 9.21 -32.87
N MET D 288 -6.92 9.39 -32.94
CA MET D 288 -7.48 10.74 -32.96
C MET D 288 -7.65 11.28 -31.53
N LEU D 289 -7.77 10.39 -30.56
CA LEU D 289 -7.68 10.78 -29.16
C LEU D 289 -6.24 11.23 -28.82
N TRP D 290 -5.24 10.59 -29.42
CA TRP D 290 -3.82 10.96 -29.25
C TRP D 290 -3.60 12.38 -29.80
N SER D 291 -3.99 12.61 -31.06
CA SER D 291 -3.88 13.93 -31.71
C SER D 291 -4.49 15.01 -30.81
N GLY D 292 -5.64 14.69 -30.20
CA GLY D 292 -6.42 15.63 -29.41
C GLY D 292 -5.93 15.77 -27.96
N SER D 293 -4.91 14.99 -27.57
CA SER D 293 -4.38 15.05 -26.20
C SER D 293 -3.04 15.82 -26.17
N ARG D 294 -2.45 16.10 -27.36
CA ARG D 294 -1.10 16.68 -27.53
C ARG D 294 -1.05 18.10 -26.93
#